data_8XYX
#
_entry.id   8XYX
#
_cell.length_a   1.00
_cell.length_b   1.00
_cell.length_c   1.00
_cell.angle_alpha   90.00
_cell.angle_beta   90.00
_cell.angle_gamma   90.00
#
_symmetry.space_group_name_H-M   'P 1'
#
loop_
_entity.id
_entity.type
_entity.pdbx_description
1 polymer 'MT-a70 family protein'
2 polymer 'Methyltransferase MT, putative'
3 polymer 'Myb-like DNA-binding domain protein'
4 polymer 'Transmembrane protein, putative'
5 non-polymer S-ADENOSYLMETHIONINE
#
loop_
_entity_poly.entity_id
_entity_poly.type
_entity_poly.pdbx_seq_one_letter_code
_entity_poly.pdbx_strand_id
1 'polypeptide(L)'
;GPEFKLMSKAVNKKGLRPRKSDSILDHIKNKLDQEFLEDNENGEQSDEDYDQKSLNKAKKPYKKRQTQNGSELVISQQKT
KAKASANNKKSAKNSQKLDEEEKIVEEEDLSPQKNGAVSEDDQQQEASTQEDDYLDRLPKSKKGLQGLLQDIEKRILHYK
QLFFKEQNEIANGKRSMVPDNSIPICSDVTKLNFQALIDAQMRHAGKMFDVIMMAPPWQLSSSQPSRGVAIAYDSLSDEK
IQNMPIQSLQQDGFIFVWAINAKYRVTIKMIENWGYKLVDEITWVKKTVNGKIAKGHGFYLQHAKESCLIGVKGDVDNGR
FKKNIASDVIFSERRGQSQKPEEIYQYINQLCPNGNYLEIFARRNNLHDNWVSIGNEL
;
A
2 'polypeptide(L)'
;GPGRPMSQETLAACQSLDKFAHPKKVSPVQKSQIIEEPPLQKKIKPTEPGEDQLSLLLKWRSSYIPPQKPTNEDEYKKII
CKDISSEKLEQHAGDVSALFINIKWKLSEGQSGKSIEDLKKLAISDKLINNGIIFIWSEKEILSQIVDVLEAKGFNYIEN
FMINQLSADKALEMQRKNQNQQSKEKKITDFFKRLTPQKNIWSDITPEQCIEQEKFPPNNYVQDIFVNSEYSFFRKSKKI
LLMLRKFNKDAQLELRHQRTSDIFFDIFEQNKPNDVSKKGMEFVYKMIETLLPKANYSEENKGAFKMMELYADDKSQPRK
GWISVYEQEWSHPQFEKGGGSGGGSGGGSWSHPQFEK
;
B
3 'polypeptide(L)'
;GPGRPSLKKGKFQHNQSKSLWNYTLSPGWREEEVKILKSALQLFGIGKWKKIMESGCLPGKSIGQIYMQTQRLLGQQSLG
DFMGLQIDLEAVFNQNMKKQDVLRKNNCIINTGDNPTKEERKRRIEQNRKIYGLSAKQIAEIKLPKVKKHAPQYMTLEDI
ENEKFTNLEILTHLYNLKAEIVRRLAEQGETIAQPSIIKSLNNLNHNLEQNQNSNSSTETKVTLEQSGKKKYKVLAIEET
ELQNGPIATNSQKKSINGKRKNNRKINSDSEGNEEDISLEDIDSQESEINSEEIVEDDEEDEQIEEPSKIKKRKKNPEQE
SEEDDIEEDQEEDELVVNEEEIFEDDDDDEDNQDSSEDDDDDED
;
C
4 'polypeptide(L)'
;GPEFMKKNGKSQNQPLDFTQYAKNMRKDLSNQDICLEDGALNHSYFLTKKGQYWTPLNQKALQRGIELFGVGNWKEINYD
EFSGKANIVELELRTCMILGINDITEYYGKKISEEEQEEIKKSNIAKGKKENKLKDNIYQKLQQMQ
;
D
#
# COMPACT_ATOMS: atom_id res chain seq x y z
N LYS A 143 -13.75 46.63 -21.73
CA LYS A 143 -14.70 45.73 -22.36
C LYS A 143 -14.78 44.40 -21.63
N GLY A 144 -14.63 43.31 -22.38
CA GLY A 144 -14.62 41.99 -21.76
C GLY A 144 -13.46 41.79 -20.81
N LEU A 145 -12.28 42.32 -21.18
CA LEU A 145 -11.14 42.24 -20.27
C LEU A 145 -11.35 43.12 -19.04
N GLN A 146 -12.02 44.26 -19.18
CA GLN A 146 -12.34 45.09 -18.02
C GLN A 146 -13.30 44.37 -17.08
N GLY A 147 -14.33 43.71 -17.63
CA GLY A 147 -15.22 42.92 -16.79
C GLY A 147 -14.51 41.74 -16.14
N LEU A 148 -13.57 41.12 -16.86
CA LEU A 148 -12.77 40.05 -16.30
C LEU A 148 -11.91 40.56 -15.14
N LEU A 149 -11.34 41.76 -15.29
CA LEU A 149 -10.54 42.34 -14.20
C LEU A 149 -11.41 42.67 -12.99
N GLN A 150 -12.62 43.18 -13.22
CA GLN A 150 -13.54 43.42 -12.11
C GLN A 150 -13.91 42.12 -11.40
N ASP A 151 -14.17 41.06 -12.17
CA ASP A 151 -14.50 39.78 -11.57
C ASP A 151 -13.31 39.19 -10.82
N ILE A 152 -12.09 39.38 -11.33
CA ILE A 152 -10.91 38.87 -10.63
C ILE A 152 -10.66 39.68 -9.36
N GLU A 153 -11.00 40.97 -9.35
CA GLU A 153 -10.90 41.75 -8.11
C GLU A 153 -11.92 41.26 -7.09
N LYS A 154 -13.14 40.96 -7.54
CA LYS A 154 -14.14 40.39 -6.64
C LYS A 154 -13.69 39.03 -6.11
N ARG A 155 -13.01 38.25 -6.95
CA ARG A 155 -12.58 36.92 -6.53
C ARG A 155 -11.43 36.98 -5.54
N ILE A 156 -10.47 37.90 -5.74
CA ILE A 156 -9.41 38.03 -4.75
C ILE A 156 -9.96 38.59 -3.44
N LEU A 157 -10.97 39.47 -3.51
CA LEU A 157 -11.62 39.96 -2.30
C LEU A 157 -12.34 38.82 -1.58
N HIS A 158 -12.95 37.91 -2.33
CA HIS A 158 -13.62 36.77 -1.71
C HIS A 158 -12.62 35.81 -1.07
N TYR A 159 -11.51 35.53 -1.75
CA TYR A 159 -10.58 34.51 -1.27
C TYR A 159 -9.62 35.04 -0.20
N LYS A 160 -9.39 36.35 -0.13
CA LYS A 160 -8.65 36.91 0.98
C LYS A 160 -9.39 36.66 2.29
N GLN A 161 -10.72 36.71 2.25
CA GLN A 161 -11.52 36.40 3.44
C GLN A 161 -11.29 34.97 3.90
N LEU A 162 -11.27 34.02 2.96
CA LEU A 162 -11.02 32.62 3.31
C LEU A 162 -9.62 32.43 3.87
N PHE A 163 -8.62 33.09 3.26
CA PHE A 163 -7.25 32.99 3.75
C PHE A 163 -7.12 33.54 5.16
N PHE A 164 -7.72 34.70 5.42
CA PHE A 164 -7.62 35.31 6.75
C PHE A 164 -8.41 34.51 7.78
N LYS A 165 -9.54 33.92 7.38
CA LYS A 165 -10.28 33.05 8.29
C LYS A 165 -9.44 31.83 8.67
N GLU A 166 -8.77 31.23 7.69
CA GLU A 166 -7.94 30.06 7.96
C GLU A 166 -6.75 30.40 8.85
N GLN A 167 -6.06 31.50 8.55
CA GLN A 167 -4.89 31.86 9.35
C GLN A 167 -5.24 32.53 10.67
N ASN A 168 -6.50 32.89 10.89
CA ASN A 168 -6.95 33.32 12.20
C ASN A 168 -7.44 32.15 13.05
N GLU A 169 -8.03 31.14 12.42
CA GLU A 169 -8.40 29.93 13.16
C GLU A 169 -7.18 29.07 13.46
N ILE A 170 -6.13 29.14 12.63
CA ILE A 170 -4.91 28.39 12.89
C ILE A 170 -4.23 28.93 14.15
N ALA A 171 -4.14 30.25 14.28
CA ALA A 171 -3.57 30.87 15.48
C ALA A 171 -4.63 31.10 16.55
N ASN A 172 -5.39 30.05 16.84
CA ASN A 172 -6.40 30.09 17.88
C ASN A 172 -6.51 28.77 18.64
N GLY A 173 -5.76 27.74 18.26
CA GLY A 173 -5.84 26.45 18.91
C GLY A 173 -6.56 25.41 18.10
N LYS A 174 -6.38 25.45 16.78
CA LYS A 174 -6.97 24.46 15.89
C LYS A 174 -6.02 23.28 15.71
N ARG A 175 -6.58 22.08 15.76
CA ARG A 175 -5.81 20.85 15.66
C ARG A 175 -6.02 20.22 14.29
N SER A 176 -4.94 19.69 13.73
CA SER A 176 -5.01 18.99 12.45
C SER A 176 -5.44 17.54 12.70
N MET A 177 -5.38 16.72 11.65
CA MET A 177 -5.73 15.32 11.77
C MET A 177 -4.59 14.46 12.30
N VAL A 178 -3.42 15.03 12.49
CA VAL A 178 -2.26 14.29 13.00
C VAL A 178 -2.44 14.04 14.49
N PRO A 179 -2.34 12.79 14.95
CA PRO A 179 -2.48 12.53 16.38
C PRO A 179 -1.34 13.12 17.18
N ASP A 180 -1.61 13.38 18.46
CA ASP A 180 -0.66 14.11 19.30
C ASP A 180 0.58 13.29 19.62
N ASN A 181 0.41 11.98 19.81
CA ASN A 181 1.51 11.11 20.21
C ASN A 181 2.36 10.63 19.04
N SER A 182 2.23 11.24 17.86
CA SER A 182 3.06 10.88 16.72
C SER A 182 4.44 11.50 16.86
N ILE A 183 5.45 10.74 16.45
CA ILE A 183 6.83 11.25 16.45
C ILE A 183 7.33 11.26 15.01
N PRO A 184 7.14 12.33 14.26
CA PRO A 184 7.64 12.39 12.89
C PRO A 184 9.03 12.98 12.79
N ILE A 185 9.85 12.37 11.94
CA ILE A 185 11.20 12.83 11.65
C ILE A 185 11.29 13.06 10.15
N CYS A 186 11.75 14.23 9.76
CA CYS A 186 11.86 14.62 8.35
C CYS A 186 13.33 14.61 7.97
N SER A 187 13.78 13.47 7.45
CA SER A 187 15.18 13.33 7.05
C SER A 187 15.30 12.22 6.01
N ASP A 188 16.28 12.37 5.13
CA ASP A 188 16.63 11.30 4.19
C ASP A 188 17.22 10.12 4.95
N VAL A 189 16.80 8.91 4.58
CA VAL A 189 17.32 7.72 5.25
C VAL A 189 18.77 7.46 4.90
N THR A 190 19.26 8.01 3.79
CA THR A 190 20.66 7.89 3.44
C THR A 190 21.52 8.95 4.13
N LYS A 191 20.90 9.92 4.80
CA LYS A 191 21.61 10.95 5.54
C LYS A 191 21.26 10.97 7.02
N LEU A 192 20.29 10.16 7.46
CA LEU A 192 19.87 10.16 8.85
C LEU A 192 20.83 9.32 9.68
N ASN A 193 21.29 9.88 10.80
CA ASN A 193 22.12 9.15 11.75
C ASN A 193 21.22 8.26 12.59
N PHE A 194 21.25 6.95 12.31
CA PHE A 194 20.42 6.02 13.08
C PHE A 194 20.94 5.79 14.48
N GLN A 195 22.21 6.14 14.75
CA GLN A 195 22.74 5.98 16.10
C GLN A 195 22.06 6.92 17.07
N ALA A 196 21.72 8.14 16.63
CA ALA A 196 20.97 9.06 17.48
C ALA A 196 19.59 8.52 17.80
N LEU A 197 18.93 7.91 16.81
CA LEU A 197 17.62 7.29 17.06
C LEU A 197 17.74 6.12 18.03
N ILE A 198 18.80 5.32 17.89
CA ILE A 198 19.02 4.20 18.81
C ILE A 198 19.23 4.70 20.23
N ASP A 199 20.06 5.74 20.39
CA ASP A 199 20.33 6.29 21.71
C ASP A 199 19.08 6.88 22.33
N ALA A 200 18.29 7.63 21.54
CA ALA A 200 17.07 8.23 22.05
C ALA A 200 16.05 7.17 22.45
N GLN A 201 15.87 6.13 21.63
CA GLN A 201 14.91 5.09 21.94
C GLN A 201 15.33 4.29 23.17
N MET A 202 16.61 3.98 23.30
CA MET A 202 17.08 3.27 24.49
C MET A 202 17.01 4.14 25.73
N ARG A 203 17.16 5.45 25.58
CA ARG A 203 17.10 6.36 26.73
C ARG A 203 15.67 6.55 27.22
N HIS A 204 14.71 6.74 26.31
CA HIS A 204 13.36 7.11 26.69
C HIS A 204 12.40 5.93 26.78
N ALA A 205 12.84 4.72 26.45
CA ALA A 205 11.99 3.55 26.56
C ALA A 205 12.65 2.35 27.24
N GLY A 206 13.98 2.28 27.28
CA GLY A 206 14.65 1.10 27.80
C GLY A 206 14.37 -0.15 27.00
N LYS A 207 14.24 -0.01 25.68
CA LYS A 207 13.77 -1.08 24.83
C LYS A 207 14.14 -0.73 23.40
N MET A 208 13.83 -1.63 22.48
CA MET A 208 14.02 -1.39 21.06
C MET A 208 12.66 -1.38 20.37
N PHE A 209 12.68 -1.23 19.05
CA PHE A 209 11.45 -1.20 18.29
C PHE A 209 10.83 -2.58 18.20
N ASP A 210 9.51 -2.63 18.21
CA ASP A 210 8.80 -3.89 18.12
C ASP A 210 8.43 -4.24 16.68
N VAL A 211 8.03 -3.25 15.89
CA VAL A 211 7.64 -3.43 14.49
C VAL A 211 8.32 -2.35 13.66
N ILE A 212 8.94 -2.75 12.56
CA ILE A 212 9.50 -1.82 11.58
C ILE A 212 8.74 -2.03 10.28
N MET A 213 7.98 -1.03 9.86
CA MET A 213 7.25 -1.10 8.61
C MET A 213 7.95 -0.27 7.54
N MET A 214 8.08 -0.84 6.35
CA MET A 214 8.73 -0.19 5.23
C MET A 214 7.85 -0.26 3.99
N ALA A 215 7.76 0.86 3.27
CA ALA A 215 7.13 0.92 1.96
C ALA A 215 8.16 1.57 1.04
N PRO A 216 9.14 0.79 0.55
CA PRO A 216 10.31 1.39 -0.07
C PRO A 216 9.98 2.01 -1.40
N PRO A 217 10.67 3.08 -1.79
CA PRO A 217 10.51 3.63 -3.15
C PRO A 217 11.32 2.85 -4.18
N TRP A 218 10.73 1.77 -4.70
CA TRP A 218 11.43 0.90 -5.63
C TRP A 218 11.77 1.63 -6.92
N GLN A 219 12.91 1.25 -7.51
CA GLN A 219 13.35 1.83 -8.78
C GLN A 219 12.59 1.17 -9.91
N LEU A 220 11.69 1.92 -10.55
CA LEU A 220 10.89 1.39 -11.64
C LEU A 220 11.15 2.16 -12.94
N ASP A 234 10.26 7.87 -4.72
CA ASP A 234 11.28 8.66 -5.39
C ASP A 234 12.25 7.78 -6.17
N SER A 235 12.03 6.46 -6.11
CA SER A 235 12.79 5.45 -6.84
C SER A 235 14.29 5.54 -6.50
N LEU A 236 14.58 5.23 -5.24
CA LEU A 236 15.92 5.45 -4.72
C LEU A 236 16.94 4.48 -5.28
N SER A 237 16.84 3.20 -4.93
CA SER A 237 17.80 2.16 -5.32
C SER A 237 17.27 0.82 -4.85
N ASP A 238 18.10 -0.21 -4.97
CA ASP A 238 17.90 -1.49 -4.30
C ASP A 238 19.00 -1.77 -3.27
N GLU A 239 20.26 -1.57 -3.66
CA GLU A 239 21.37 -1.79 -2.75
C GLU A 239 21.36 -0.76 -1.61
N LYS A 240 20.95 0.48 -1.90
CA LYS A 240 20.87 1.49 -0.86
C LYS A 240 19.76 1.18 0.13
N ILE A 241 18.67 0.58 -0.33
CA ILE A 241 17.63 0.11 0.59
C ILE A 241 18.14 -1.05 1.42
N GLN A 242 18.98 -1.90 0.81
CA GLN A 242 19.58 -3.01 1.57
C GLN A 242 20.52 -2.49 2.65
N ASN A 243 21.25 -1.40 2.36
CA ASN A 243 22.30 -0.93 3.25
C ASN A 243 21.81 -0.26 4.53
N MET A 244 20.50 -0.07 4.68
CA MET A 244 19.98 0.56 5.87
C MET A 244 20.21 -0.31 7.10
N PRO A 245 20.62 0.26 8.23
CA PRO A 245 21.00 -0.53 9.42
C PRO A 245 19.80 -1.04 10.21
N ILE A 246 19.02 -1.92 9.59
CA ILE A 246 17.86 -2.50 10.27
C ILE A 246 18.30 -3.45 11.38
N GLN A 247 19.47 -4.08 11.23
CA GLN A 247 19.95 -5.05 12.22
C GLN A 247 20.19 -4.39 13.57
N SER A 248 20.73 -3.18 13.57
CA SER A 248 20.91 -2.42 14.80
C SER A 248 19.63 -1.75 15.28
N LEU A 249 18.58 -1.73 14.45
CA LEU A 249 17.34 -1.04 14.80
C LEU A 249 16.36 -1.92 15.55
N GLN A 250 16.66 -3.21 15.71
CA GLN A 250 15.71 -4.14 16.29
C GLN A 250 16.47 -5.35 16.82
N GLN A 251 15.89 -5.98 17.85
CA GLN A 251 16.42 -7.21 18.40
C GLN A 251 15.37 -8.29 18.58
N ASP A 252 14.08 -7.94 18.59
CA ASP A 252 13.02 -8.89 18.83
C ASP A 252 11.72 -8.30 18.31
N GLY A 253 11.13 -8.91 17.30
CA GLY A 253 9.90 -8.42 16.74
C GLY A 253 9.83 -8.72 15.25
N PHE A 254 9.03 -7.92 14.54
CA PHE A 254 8.68 -8.16 13.16
C PHE A 254 9.14 -7.03 12.26
N ILE A 255 9.07 -7.28 10.96
CA ILE A 255 9.32 -6.27 9.93
C ILE A 255 8.25 -6.43 8.86
N PHE A 256 7.78 -5.31 8.32
CA PHE A 256 6.75 -5.29 7.28
C PHE A 256 7.30 -4.51 6.10
N VAL A 257 7.57 -5.20 4.99
CA VAL A 257 8.08 -4.57 3.78
C VAL A 257 7.06 -4.77 2.66
N TRP A 258 6.60 -3.66 2.07
CA TRP A 258 5.70 -3.73 0.94
C TRP A 258 6.51 -3.92 -0.34
N ALA A 259 6.15 -4.95 -1.11
CA ALA A 259 6.87 -5.32 -2.32
C ALA A 259 5.95 -5.30 -3.52
N ILE A 260 6.43 -4.74 -4.63
CA ILE A 260 5.74 -4.83 -5.91
C ILE A 260 6.09 -6.18 -6.53
N ASN A 261 5.38 -6.55 -7.60
CA ASN A 261 5.61 -7.85 -8.22
C ASN A 261 7.00 -7.96 -8.84
N ALA A 262 7.60 -6.83 -9.22
CA ALA A 262 8.94 -6.83 -9.78
C ALA A 262 10.03 -6.89 -8.71
N LYS A 263 9.68 -6.67 -7.44
CA LYS A 263 10.65 -6.65 -6.35
C LYS A 263 10.27 -7.63 -5.25
N TYR A 264 9.53 -8.68 -5.59
CA TYR A 264 9.19 -9.71 -4.63
C TYR A 264 10.43 -10.47 -4.16
N ARG A 265 11.22 -10.96 -5.12
CA ARG A 265 12.42 -11.72 -4.80
C ARG A 265 13.46 -10.87 -4.10
N VAL A 266 13.61 -9.61 -4.53
CA VAL A 266 14.57 -8.70 -3.91
C VAL A 266 14.17 -8.42 -2.46
N THR A 267 12.87 -8.24 -2.21
CA THR A 267 12.41 -8.02 -0.84
C THR A 267 12.66 -9.24 0.03
N ILE A 268 12.41 -10.45 -0.50
CA ILE A 268 12.67 -11.67 0.26
C ILE A 268 14.16 -11.79 0.58
N LYS A 269 15.02 -11.51 -0.40
CA LYS A 269 16.46 -11.59 -0.18
C LYS A 269 16.94 -10.57 0.84
N MET A 270 16.41 -9.34 0.79
CA MET A 270 16.78 -8.33 1.77
C MET A 270 16.33 -8.71 3.17
N ILE A 271 15.10 -9.24 3.30
CA ILE A 271 14.60 -9.65 4.61
C ILE A 271 15.47 -10.75 5.19
N GLU A 272 15.84 -11.74 4.37
CA GLU A 272 16.68 -12.81 4.88
C GLU A 272 18.12 -12.36 5.12
N ASN A 273 18.58 -11.33 4.41
CA ASN A 273 19.93 -10.79 4.63
C ASN A 273 20.02 -9.89 5.86
N TRP A 274 18.89 -9.35 6.31
CA TRP A 274 18.89 -8.53 7.52
C TRP A 274 18.83 -9.34 8.80
N GLY A 275 18.77 -10.67 8.70
CA GLY A 275 18.70 -11.52 9.86
C GLY A 275 17.33 -12.05 10.20
N TYR A 276 16.30 -11.65 9.46
CA TYR A 276 14.95 -12.10 9.71
C TYR A 276 14.69 -13.44 9.03
N LYS A 277 13.56 -14.05 9.38
CA LYS A 277 13.10 -15.28 8.75
C LYS A 277 11.67 -15.06 8.27
N LEU A 278 11.44 -15.34 7.00
CA LEU A 278 10.12 -15.13 6.41
C LEU A 278 9.11 -16.09 7.02
N VAL A 279 8.06 -15.54 7.63
CA VAL A 279 7.04 -16.37 8.27
C VAL A 279 5.63 -16.02 7.84
N ASP A 280 5.38 -14.87 7.23
CA ASP A 280 4.01 -14.48 6.91
C ASP A 280 4.03 -13.51 5.74
N GLU A 281 2.83 -13.27 5.20
CA GLU A 281 2.67 -12.48 3.99
C GLU A 281 1.27 -11.88 3.99
N ILE A 282 1.19 -10.57 3.80
CA ILE A 282 -0.08 -9.84 3.82
C ILE A 282 -0.29 -9.23 2.43
N THR A 283 -1.45 -9.51 1.85
CA THR A 283 -1.80 -8.99 0.52
C THR A 283 -2.96 -8.01 0.62
N TRP A 284 -2.85 -6.93 -0.13
CA TRP A 284 -3.91 -5.94 -0.28
C TRP A 284 -4.52 -6.11 -1.66
N VAL A 285 -5.81 -6.41 -1.70
CA VAL A 285 -6.56 -6.56 -2.94
C VAL A 285 -7.36 -5.29 -3.17
N LYS A 286 -7.07 -4.61 -4.28
CA LYS A 286 -7.73 -3.35 -4.57
C LYS A 286 -9.21 -3.56 -4.90
N LYS A 287 -10.01 -2.55 -4.60
CA LYS A 287 -11.46 -2.64 -4.71
C LYS A 287 -12.01 -1.41 -5.40
N THR A 288 -13.17 -1.56 -6.02
CA THR A 288 -13.93 -0.45 -6.60
C THR A 288 -15.02 -0.02 -5.62
N VAL A 289 -15.79 1.00 -6.03
CA VAL A 289 -16.86 1.52 -5.18
C VAL A 289 -18.07 0.61 -5.13
N ASN A 290 -18.15 -0.38 -6.02
CA ASN A 290 -19.26 -1.33 -6.05
C ASN A 290 -18.90 -2.67 -5.42
N GLY A 291 -17.76 -2.75 -4.74
CA GLY A 291 -17.33 -4.00 -4.14
C GLY A 291 -16.84 -5.02 -5.14
N LYS A 292 -16.12 -4.56 -6.15
CA LYS A 292 -15.55 -5.42 -7.18
C LYS A 292 -14.05 -5.22 -7.21
N ILE A 293 -13.34 -6.23 -7.72
CA ILE A 293 -11.89 -6.13 -7.85
C ILE A 293 -11.54 -5.13 -8.94
N ALA A 294 -10.67 -4.18 -8.62
CA ALA A 294 -10.24 -3.17 -9.57
C ALA A 294 -9.15 -3.77 -10.45
N LYS A 295 -9.53 -4.13 -11.68
CA LYS A 295 -8.60 -4.77 -12.60
C LYS A 295 -7.50 -3.78 -13.01
N GLY A 296 -6.30 -4.31 -13.19
CA GLY A 296 -5.16 -3.48 -13.57
C GLY A 296 -4.50 -3.92 -14.85
N HIS A 297 -3.18 -4.12 -14.80
CA HIS A 297 -2.42 -4.51 -15.99
C HIS A 297 -1.15 -5.21 -15.55
N GLY A 298 -0.52 -5.91 -16.48
CA GLY A 298 0.70 -6.61 -16.18
C GLY A 298 1.27 -7.24 -17.42
N PHE A 299 2.24 -8.14 -17.22
CA PHE A 299 2.79 -8.89 -18.34
C PHE A 299 2.06 -10.22 -18.51
N TYR A 300 2.06 -11.05 -17.47
CA TYR A 300 1.41 -12.35 -17.57
C TYR A 300 -0.06 -12.28 -17.17
N LEU A 301 -0.36 -11.63 -16.05
CA LEU A 301 -1.73 -11.50 -15.57
C LEU A 301 -1.99 -10.05 -15.18
N GLN A 302 -3.27 -9.70 -15.14
CA GLN A 302 -3.70 -8.35 -14.75
C GLN A 302 -3.50 -8.19 -13.25
N HIS A 303 -2.59 -7.30 -12.86
CA HIS A 303 -2.24 -7.12 -11.45
C HIS A 303 -3.33 -6.31 -10.75
N ALA A 304 -3.89 -6.87 -9.69
CA ALA A 304 -4.83 -6.17 -8.83
C ALA A 304 -4.52 -6.48 -7.36
N LYS A 305 -3.24 -6.48 -7.02
CA LYS A 305 -2.78 -6.93 -5.71
C LYS A 305 -1.56 -6.13 -5.31
N GLU A 306 -1.24 -6.18 -4.03
CA GLU A 306 0.05 -5.69 -3.54
C GLU A 306 0.40 -6.47 -2.29
N SER A 307 1.68 -6.76 -2.11
CA SER A 307 2.15 -7.73 -1.14
C SER A 307 2.96 -7.07 -0.04
N CYS A 308 2.77 -7.56 1.18
CA CYS A 308 3.59 -7.19 2.34
C CYS A 308 4.27 -8.46 2.86
N LEU A 309 5.59 -8.41 2.99
CA LEU A 309 6.38 -9.56 3.41
C LEU A 309 6.86 -9.35 4.84
N ILE A 310 6.68 -10.37 5.69
CA ILE A 310 6.84 -10.23 7.13
C ILE A 310 7.95 -11.18 7.61
N GLY A 311 8.98 -10.61 8.22
CA GLY A 311 10.01 -11.38 8.88
C GLY A 311 9.85 -11.37 10.40
N VAL A 312 10.83 -11.97 11.07
CA VAL A 312 10.78 -12.08 12.53
C VAL A 312 12.20 -12.34 13.05
N LYS A 313 12.50 -11.78 14.22
CA LYS A 313 13.74 -12.01 14.94
C LYS A 313 13.43 -12.44 16.38
N GLY A 314 14.43 -13.04 17.01
CA GLY A 314 14.44 -13.31 18.44
C GLY A 314 13.31 -14.21 18.90
N ASP A 315 12.94 -14.03 20.17
CA ASP A 315 11.87 -14.80 20.81
C ASP A 315 10.68 -13.87 21.01
N VAL A 316 9.66 -14.03 20.17
CA VAL A 316 8.52 -13.14 20.16
C VAL A 316 7.35 -13.72 20.97
N ASP A 317 7.62 -14.68 21.84
CA ASP A 317 6.58 -15.35 22.60
C ASP A 317 6.69 -15.12 24.11
N ASN A 318 7.48 -14.13 24.53
CA ASN A 318 7.66 -13.89 25.96
C ASN A 318 6.37 -13.45 26.64
N GLY A 319 5.91 -12.23 26.37
CA GLY A 319 4.61 -11.79 26.84
C GLY A 319 3.95 -10.75 25.97
N ARG A 320 4.55 -10.43 24.82
CA ARG A 320 4.26 -9.19 24.11
C ARG A 320 3.31 -9.39 22.93
N PHE A 321 3.68 -10.25 21.99
CA PHE A 321 2.96 -10.36 20.73
C PHE A 321 1.83 -11.37 20.84
N LYS A 322 0.69 -11.03 20.26
CA LYS A 322 -0.47 -11.92 20.23
C LYS A 322 -0.37 -12.89 19.05
N LYS A 323 -1.16 -13.96 19.13
CA LYS A 323 -1.15 -15.00 18.13
C LYS A 323 -2.56 -15.24 17.62
N ASN A 324 -2.66 -15.72 16.38
CA ASN A 324 -3.92 -16.01 15.71
C ASN A 324 -4.81 -14.76 15.63
N ILE A 325 -4.26 -13.72 15.00
CA ILE A 325 -4.91 -12.42 14.95
C ILE A 325 -5.01 -11.95 13.51
N ALA A 326 -6.02 -11.10 13.25
CA ALA A 326 -6.21 -10.40 11.99
C ALA A 326 -6.40 -11.35 10.80
N SER A 327 -5.84 -11.00 9.66
CA SER A 327 -5.96 -11.80 8.44
C SER A 327 -4.86 -11.40 7.48
N ASP A 328 -4.56 -12.31 6.54
CA ASP A 328 -3.59 -12.03 5.50
C ASP A 328 -4.12 -11.10 4.43
N VAL A 329 -5.45 -11.05 4.24
CA VAL A 329 -6.06 -10.37 3.11
C VAL A 329 -6.63 -9.04 3.58
N ILE A 330 -6.31 -7.97 2.85
CA ILE A 330 -6.90 -6.65 3.08
C ILE A 330 -7.66 -6.30 1.80
N PHE A 331 -8.98 -6.23 1.89
CA PHE A 331 -9.84 -5.91 0.75
C PHE A 331 -10.37 -4.49 0.95
N SER A 332 -9.79 -3.53 0.23
CA SER A 332 -10.16 -2.14 0.42
C SER A 332 -9.83 -1.36 -0.84
N GLU A 333 -10.40 -0.15 -0.93
CA GLU A 333 -10.28 0.68 -2.12
C GLU A 333 -8.87 1.26 -2.25
N ARG A 334 -8.50 1.59 -3.50
CA ARG A 334 -7.18 2.12 -3.82
C ARG A 334 -7.19 3.65 -3.81
N ARG A 335 -7.59 4.21 -2.67
CA ARG A 335 -7.76 5.64 -2.54
C ARG A 335 -6.41 6.38 -2.62
N GLY A 336 -6.47 7.61 -3.12
CA GLY A 336 -5.30 8.47 -3.19
C GLY A 336 -4.27 7.98 -4.18
N GLN A 337 -3.02 8.36 -3.92
CA GLN A 337 -1.85 7.94 -4.69
C GLN A 337 -1.44 6.55 -4.21
N SER A 338 -0.23 6.11 -4.51
CA SER A 338 0.23 4.78 -4.12
C SER A 338 0.37 4.75 -2.60
N GLN A 339 -0.78 4.60 -1.95
CA GLN A 339 -0.92 4.76 -0.50
C GLN A 339 -1.64 3.54 0.05
N LYS A 340 -1.07 2.93 1.07
CA LYS A 340 -1.59 1.70 1.64
C LYS A 340 -2.71 2.01 2.63
N PRO A 341 -3.63 1.07 2.84
CA PRO A 341 -4.76 1.32 3.74
C PRO A 341 -4.31 1.37 5.20
N GLU A 342 -5.24 1.82 6.05
CA GLU A 342 -5.00 1.85 7.49
C GLU A 342 -5.30 0.52 8.16
N GLU A 343 -5.82 -0.45 7.40
CA GLU A 343 -6.04 -1.78 7.95
C GLU A 343 -4.73 -2.46 8.33
N ILE A 344 -3.63 -2.11 7.67
CA ILE A 344 -2.34 -2.65 8.07
C ILE A 344 -1.94 -2.11 9.44
N TYR A 345 -2.28 -0.85 9.73
CA TYR A 345 -2.00 -0.29 11.05
C TYR A 345 -2.89 -0.92 12.11
N GLN A 346 -4.16 -1.17 11.78
CA GLN A 346 -5.04 -1.86 12.72
C GLN A 346 -4.55 -3.28 13.00
N TYR A 347 -4.08 -3.97 11.97
CA TYR A 347 -3.56 -5.33 12.14
C TYR A 347 -2.28 -5.33 12.95
N ILE A 348 -1.40 -4.34 12.73
CA ILE A 348 -0.17 -4.24 13.51
C ILE A 348 -0.49 -3.97 14.98
N ASN A 349 -1.44 -3.07 15.25
CA ASN A 349 -1.83 -2.81 16.63
C ASN A 349 -2.50 -4.02 17.26
N GLN A 350 -3.18 -4.86 16.47
CA GLN A 350 -3.70 -6.11 16.99
C GLN A 350 -2.58 -7.09 17.31
N LEU A 351 -1.52 -7.10 16.50
CA LEU A 351 -0.40 -8.01 16.72
C LEU A 351 0.40 -7.62 17.95
N CYS A 352 0.74 -6.34 18.08
CA CYS A 352 1.56 -5.84 19.19
C CYS A 352 0.84 -4.65 19.81
N PRO A 353 -0.07 -4.90 20.77
CA PRO A 353 -0.78 -3.78 21.41
C PRO A 353 0.15 -3.00 22.33
N ASN A 354 0.09 -1.67 22.19
CA ASN A 354 0.88 -0.72 22.99
C ASN A 354 2.39 -1.00 22.87
N GLY A 355 2.89 -0.84 21.65
CA GLY A 355 4.28 -1.07 21.35
C GLY A 355 4.97 0.16 20.78
N ASN A 356 6.26 0.00 20.54
CA ASN A 356 7.11 1.06 19.99
C ASN A 356 7.41 0.69 18.54
N TYR A 357 6.71 1.32 17.61
CA TYR A 357 6.84 1.03 16.19
C TYR A 357 7.73 2.06 15.50
N LEU A 358 8.17 1.70 14.30
CA LEU A 358 8.99 2.58 13.47
C LEU A 358 8.53 2.43 12.03
N GLU A 359 8.31 3.56 11.36
CA GLU A 359 7.87 3.58 9.97
C GLU A 359 8.90 4.32 9.14
N ILE A 360 9.35 3.69 8.06
CA ILE A 360 10.35 4.25 7.17
C ILE A 360 9.68 4.53 5.83
N PHE A 361 10.11 5.62 5.18
CA PHE A 361 9.51 6.15 3.96
C PHE A 361 8.01 6.45 4.19
N ALA A 362 7.79 7.42 5.07
CA ALA A 362 6.45 7.78 5.49
C ALA A 362 6.04 9.13 4.92
N ARG A 363 4.72 9.34 4.87
CA ARG A 363 4.12 10.60 4.44
C ARG A 363 3.17 11.08 5.54
N ARG A 364 2.53 12.23 5.30
CA ARG A 364 1.70 12.84 6.33
C ARG A 364 0.40 12.07 6.59
N ASN A 365 0.05 11.12 5.73
CA ASN A 365 -1.07 10.22 6.01
C ASN A 365 -0.65 9.00 6.83
N ASN A 366 0.65 8.81 7.05
CA ASN A 366 1.17 7.70 7.83
C ASN A 366 1.37 8.04 9.30
N LEU A 367 1.08 9.27 9.71
CA LEU A 367 1.33 9.68 11.08
C LEU A 367 0.29 9.08 12.01
N HIS A 368 0.74 8.31 12.99
CA HIS A 368 -0.16 7.57 13.86
C HIS A 368 0.33 7.68 15.29
N ASP A 369 -0.53 7.28 16.23
CA ASP A 369 -0.17 7.26 17.64
C ASP A 369 0.88 6.19 17.91
N ASN A 370 1.85 6.53 18.76
CA ASN A 370 2.94 5.67 19.19
C ASN A 370 3.85 5.23 18.05
N TRP A 371 3.74 5.85 16.89
CA TRP A 371 4.51 5.49 15.71
C TRP A 371 5.60 6.53 15.47
N VAL A 372 6.83 6.07 15.30
CA VAL A 372 7.93 6.91 14.86
C VAL A 372 8.00 6.81 13.35
N SER A 373 7.77 7.91 12.66
CA SER A 373 7.66 7.94 11.21
C SER A 373 8.80 8.76 10.62
N ILE A 374 9.45 8.21 9.60
CA ILE A 374 10.58 8.85 8.93
C ILE A 374 10.23 9.04 7.46
N GLY A 375 10.45 10.24 6.96
CA GLY A 375 10.21 10.54 5.56
C GLY A 375 10.66 11.93 5.17
N ASN A 376 11.21 12.10 3.98
CA ASN A 376 11.73 13.40 3.58
C ASN A 376 10.64 14.40 3.24
N GLU A 377 9.44 13.94 2.95
CA GLU A 377 8.30 14.81 2.68
C GLU A 377 7.43 15.01 3.90
N LEU A 378 7.86 14.53 5.06
CA LEU A 378 7.06 14.57 6.28
C LEU A 378 7.22 15.90 7.00
N PRO B 49 -31.78 -8.53 -5.11
CA PRO B 49 -31.96 -9.55 -6.15
C PRO B 49 -30.68 -9.85 -6.96
N GLY B 50 -29.60 -10.22 -6.27
CA GLY B 50 -28.42 -10.72 -6.93
C GLY B 50 -27.31 -9.73 -7.18
N GLU B 51 -27.37 -8.52 -6.61
CA GLU B 51 -26.31 -7.54 -6.76
C GLU B 51 -25.48 -7.39 -5.49
N ASP B 52 -25.40 -8.45 -4.68
CA ASP B 52 -24.57 -8.42 -3.49
C ASP B 52 -23.10 -8.52 -3.88
N GLN B 53 -22.23 -8.25 -2.91
CA GLN B 53 -20.79 -8.40 -3.13
C GLN B 53 -20.42 -9.85 -3.38
N LEU B 54 -21.01 -10.77 -2.61
CA LEU B 54 -20.73 -12.20 -2.78
C LEU B 54 -21.16 -12.69 -4.15
N SER B 55 -22.34 -12.27 -4.62
CA SER B 55 -22.79 -12.66 -5.95
C SER B 55 -21.98 -11.96 -7.03
N LEU B 56 -21.48 -10.76 -6.77
CA LEU B 56 -20.70 -10.04 -7.77
C LEU B 56 -19.30 -10.62 -7.94
N LEU B 57 -18.73 -11.17 -6.86
CA LEU B 57 -17.41 -11.78 -6.96
C LEU B 57 -17.43 -13.23 -7.42
N LEU B 58 -18.61 -13.80 -7.63
CA LEU B 58 -18.77 -15.20 -8.00
C LEU B 58 -19.54 -15.38 -9.32
N LYS B 59 -19.20 -14.61 -10.35
CA LYS B 59 -19.82 -14.77 -11.66
C LYS B 59 -19.06 -15.76 -12.52
N TRP B 60 -17.75 -15.87 -12.27
CA TRP B 60 -16.93 -16.89 -12.89
C TRP B 60 -17.47 -18.29 -12.63
N ARG B 61 -18.13 -18.49 -11.48
CA ARG B 61 -18.68 -19.79 -11.14
C ARG B 61 -19.76 -20.20 -12.14
N SER B 62 -20.61 -19.26 -12.53
CA SER B 62 -21.60 -19.55 -13.56
C SER B 62 -20.95 -19.61 -14.94
N SER B 63 -19.82 -18.92 -15.14
CA SER B 63 -19.23 -18.85 -16.47
C SER B 63 -18.16 -19.91 -16.75
N TYR B 64 -17.88 -20.84 -15.82
CA TYR B 64 -16.72 -21.72 -15.95
C TYR B 64 -17.07 -23.18 -15.64
N ILE B 65 -18.11 -23.70 -16.28
CA ILE B 65 -18.45 -25.12 -16.10
C ILE B 65 -17.33 -25.98 -16.68
N PRO B 66 -16.82 -26.96 -15.94
CA PRO B 66 -15.72 -27.79 -16.44
C PRO B 66 -16.21 -28.82 -17.44
N PRO B 67 -15.34 -29.31 -18.32
CA PRO B 67 -15.78 -30.32 -19.31
C PRO B 67 -15.57 -31.74 -18.83
N GLN B 68 -16.10 -32.70 -19.58
CA GLN B 68 -15.95 -34.10 -19.24
C GLN B 68 -14.54 -34.60 -19.60
N LYS B 69 -14.16 -35.72 -19.01
CA LYS B 69 -12.86 -36.30 -19.29
C LYS B 69 -12.85 -36.86 -20.71
N PRO B 70 -11.71 -36.78 -21.41
CA PRO B 70 -11.65 -37.30 -22.78
C PRO B 70 -11.82 -38.81 -22.84
N THR B 71 -12.41 -39.27 -23.93
CA THR B 71 -12.68 -40.69 -24.15
C THR B 71 -11.64 -41.37 -25.02
N ASN B 72 -11.26 -40.74 -26.13
CA ASN B 72 -10.24 -41.29 -27.00
C ASN B 72 -8.87 -41.21 -26.33
N GLU B 73 -8.10 -42.28 -26.44
CA GLU B 73 -6.81 -42.38 -25.75
C GLU B 73 -5.66 -41.86 -26.60
N ASP B 74 -5.84 -40.67 -27.18
CA ASP B 74 -4.75 -40.00 -27.87
C ASP B 74 -4.72 -38.51 -27.56
N GLU B 75 -5.55 -38.03 -26.64
CA GLU B 75 -5.56 -36.63 -26.23
C GLU B 75 -4.85 -36.40 -24.90
N TYR B 76 -4.49 -37.46 -24.18
CA TYR B 76 -3.78 -37.33 -22.92
C TYR B 76 -2.72 -38.42 -22.83
N LYS B 77 -1.91 -38.35 -21.78
CA LYS B 77 -0.84 -39.31 -21.52
C LYS B 77 -0.79 -39.54 -20.02
N LYS B 78 -1.42 -40.62 -19.56
CA LYS B 78 -1.54 -40.92 -18.14
C LYS B 78 -0.52 -41.99 -17.76
N ILE B 79 0.36 -41.67 -16.82
CA ILE B 79 1.39 -42.58 -16.34
C ILE B 79 1.33 -42.65 -14.82
N ILE B 80 1.49 -43.86 -14.28
CA ILE B 80 1.43 -44.12 -12.84
C ILE B 80 2.79 -44.63 -12.39
N CYS B 81 3.26 -44.12 -11.25
CA CYS B 81 4.54 -44.53 -10.69
C CYS B 81 4.39 -44.68 -9.18
N LYS B 82 5.53 -44.85 -8.51
CA LYS B 82 5.57 -44.97 -7.06
C LYS B 82 6.31 -43.84 -6.38
N ASP B 83 7.33 -43.26 -7.01
CA ASP B 83 8.10 -42.17 -6.43
C ASP B 83 8.44 -41.20 -7.54
N ILE B 84 7.78 -40.04 -7.57
CA ILE B 84 8.03 -39.05 -8.60
C ILE B 84 9.36 -38.35 -8.38
N SER B 85 9.85 -38.35 -7.14
CA SER B 85 11.14 -37.74 -6.85
C SER B 85 12.29 -38.49 -7.51
N SER B 86 12.25 -39.82 -7.46
CA SER B 86 13.33 -40.63 -8.02
C SER B 86 13.12 -40.95 -9.50
N GLU B 87 11.88 -40.92 -9.97
CA GLU B 87 11.60 -41.27 -11.36
C GLU B 87 12.14 -40.20 -12.31
N LYS B 88 12.71 -40.64 -13.42
CA LYS B 88 13.12 -39.74 -14.49
C LYS B 88 11.92 -39.44 -15.39
N LEU B 89 11.55 -38.17 -15.48
CA LEU B 89 10.42 -37.76 -16.30
C LEU B 89 10.80 -37.54 -17.76
N GLU B 90 12.10 -37.40 -18.04
CA GLU B 90 12.56 -37.16 -19.40
C GLU B 90 12.19 -38.31 -20.33
N GLN B 91 12.26 -39.54 -19.83
CA GLN B 91 11.87 -40.71 -20.61
C GLN B 91 10.37 -40.79 -20.86
N HIS B 92 9.56 -39.98 -20.18
CA HIS B 92 8.11 -40.05 -20.32
C HIS B 92 7.49 -38.76 -20.85
N ALA B 93 8.31 -37.78 -21.21
CA ALA B 93 7.80 -36.51 -21.70
C ALA B 93 8.81 -35.91 -22.67
N GLY B 94 8.57 -34.67 -23.07
CA GLY B 94 9.45 -33.99 -24.00
C GLY B 94 9.66 -32.54 -23.62
N ASP B 95 9.65 -31.66 -24.63
CA ASP B 95 9.84 -30.22 -24.40
C ASP B 95 8.49 -29.61 -24.02
N VAL B 96 8.05 -29.90 -22.79
CA VAL B 96 6.76 -29.40 -22.33
C VAL B 96 6.91 -27.93 -21.93
N SER B 97 5.77 -27.23 -21.89
CA SER B 97 5.74 -25.81 -21.63
C SER B 97 5.00 -25.43 -20.36
N ALA B 98 4.13 -26.29 -19.84
CA ALA B 98 3.41 -26.02 -18.61
C ALA B 98 3.59 -27.22 -17.68
N LEU B 99 4.28 -27.01 -16.57
CA LEU B 99 4.53 -28.06 -15.57
C LEU B 99 3.82 -27.63 -14.30
N PHE B 100 2.62 -28.16 -14.07
CA PHE B 100 1.82 -27.84 -12.90
C PHE B 100 2.09 -28.90 -11.84
N ILE B 101 2.80 -28.52 -10.78
CA ILE B 101 3.09 -29.42 -9.67
C ILE B 101 2.00 -29.23 -8.63
N ASN B 102 1.06 -30.17 -8.57
CA ASN B 102 -0.04 -30.12 -7.61
C ASN B 102 0.37 -30.78 -6.30
N ILE B 103 1.40 -30.23 -5.69
CA ILE B 103 2.01 -30.79 -4.49
C ILE B 103 1.28 -30.28 -3.25
N LYS B 104 0.99 -31.20 -2.33
CA LYS B 104 0.36 -30.87 -1.05
C LYS B 104 1.43 -30.93 0.03
N TRP B 105 1.75 -29.78 0.61
CA TRP B 105 2.79 -29.70 1.62
C TRP B 105 2.27 -30.19 2.97
N LYS B 106 3.20 -30.60 3.82
CA LYS B 106 2.85 -31.21 5.11
C LYS B 106 2.80 -30.19 6.25
N LEU B 107 3.96 -29.59 6.56
CA LEU B 107 4.08 -28.54 7.59
C LEU B 107 3.52 -28.94 8.95
N SER B 108 3.56 -30.23 9.26
CA SER B 108 3.00 -30.73 10.52
C SER B 108 3.61 -32.09 10.81
N GLU B 109 3.44 -32.52 12.07
CA GLU B 109 3.87 -33.84 12.50
C GLU B 109 2.72 -34.82 12.62
N GLY B 110 1.52 -34.43 12.20
CA GLY B 110 0.36 -35.28 12.38
C GLY B 110 -0.57 -35.38 11.17
N GLN B 111 -0.25 -34.66 10.10
CA GLN B 111 -1.07 -34.68 8.90
C GLN B 111 -0.21 -35.02 7.69
N SER B 112 -0.85 -35.53 6.65
CA SER B 112 -0.16 -36.02 5.47
C SER B 112 0.29 -34.87 4.58
N GLY B 113 1.22 -35.17 3.69
CA GLY B 113 1.72 -34.19 2.75
C GLY B 113 3.16 -34.53 2.36
N LYS B 114 3.77 -33.59 1.66
CA LYS B 114 5.15 -33.72 1.22
C LYS B 114 5.99 -32.60 1.84
N SER B 115 7.29 -32.86 1.94
CA SER B 115 8.24 -31.92 2.52
C SER B 115 9.07 -31.28 1.40
N ILE B 116 9.96 -30.36 1.81
CA ILE B 116 10.84 -29.72 0.84
C ILE B 116 11.91 -30.69 0.34
N GLU B 117 12.21 -31.74 1.11
CA GLU B 117 13.17 -32.74 0.66
C GLU B 117 12.66 -33.50 -0.56
N ASP B 118 11.33 -33.67 -0.67
CA ASP B 118 10.77 -34.30 -1.86
C ASP B 118 10.96 -33.42 -3.09
N LEU B 119 10.85 -32.10 -2.93
CA LEU B 119 11.08 -31.20 -4.05
C LEU B 119 12.56 -31.14 -4.42
N LYS B 120 13.44 -31.21 -3.42
CA LYS B 120 14.87 -31.24 -3.71
C LYS B 120 15.27 -32.53 -4.42
N LYS B 121 14.66 -33.65 -4.02
CA LYS B 121 14.97 -34.93 -4.65
C LYS B 121 14.39 -35.05 -6.05
N LEU B 122 13.32 -34.31 -6.35
CA LEU B 122 12.69 -34.37 -7.66
C LEU B 122 13.62 -33.80 -8.72
N ALA B 123 13.79 -34.54 -9.81
CA ALA B 123 14.74 -34.19 -10.86
C ALA B 123 13.98 -33.64 -12.06
N ILE B 124 14.18 -32.35 -12.35
CA ILE B 124 13.62 -31.72 -13.53
C ILE B 124 14.76 -31.54 -14.52
N SER B 125 14.70 -32.25 -15.63
CA SER B 125 15.80 -32.30 -16.57
C SER B 125 15.91 -31.00 -17.36
N ASP B 126 17.12 -30.75 -17.88
CA ASP B 126 17.35 -29.57 -18.69
C ASP B 126 16.68 -29.65 -20.06
N LYS B 127 16.40 -30.87 -20.54
CA LYS B 127 15.67 -31.05 -21.78
C LYS B 127 14.23 -31.51 -21.56
N LEU B 128 13.82 -31.67 -20.30
CA LEU B 128 12.39 -31.78 -19.99
C LEU B 128 11.71 -30.41 -20.04
N ILE B 129 12.41 -29.37 -19.60
CA ILE B 129 11.94 -27.99 -19.68
C ILE B 129 13.05 -27.14 -20.29
N ASN B 130 12.77 -26.50 -21.42
CA ASN B 130 13.64 -25.48 -21.99
C ASN B 130 12.99 -24.12 -22.01
N ASN B 131 11.74 -24.04 -22.47
CA ASN B 131 10.93 -22.82 -22.45
C ASN B 131 9.63 -23.21 -21.76
N GLY B 132 9.60 -23.11 -20.43
CA GLY B 132 8.43 -23.57 -19.69
C GLY B 132 8.19 -22.74 -18.46
N ILE B 133 6.98 -22.91 -17.91
CA ILE B 133 6.56 -22.25 -16.69
C ILE B 133 6.15 -23.32 -15.69
N ILE B 134 6.70 -23.25 -14.48
CA ILE B 134 6.29 -24.14 -13.40
C ILE B 134 5.19 -23.46 -12.60
N PHE B 135 4.11 -24.19 -12.36
CA PHE B 135 3.04 -23.75 -11.48
C PHE B 135 3.07 -24.67 -10.26
N ILE B 136 3.41 -24.13 -9.10
CA ILE B 136 3.57 -24.92 -7.89
C ILE B 136 2.83 -24.22 -6.76
N TRP B 137 2.07 -25.00 -5.98
CA TRP B 137 1.39 -24.46 -4.81
C TRP B 137 2.40 -24.04 -3.76
N SER B 138 2.14 -22.90 -3.11
CA SER B 138 3.05 -22.34 -2.13
C SER B 138 2.37 -22.25 -0.78
N GLU B 139 3.21 -22.13 0.26
CA GLU B 139 2.75 -21.86 1.61
C GLU B 139 3.66 -20.80 2.21
N LYS B 140 3.17 -20.16 3.27
CA LYS B 140 3.85 -18.99 3.83
C LYS B 140 5.15 -19.38 4.53
N GLU B 141 5.17 -20.52 5.21
CA GLU B 141 6.32 -20.90 6.02
C GLU B 141 7.45 -21.52 5.21
N ILE B 142 7.20 -21.94 3.98
CA ILE B 142 8.24 -22.57 3.17
C ILE B 142 8.37 -21.87 1.82
N LEU B 143 7.90 -20.63 1.74
CA LEU B 143 7.99 -19.89 0.47
C LEU B 143 9.44 -19.64 0.09
N SER B 144 10.26 -19.24 1.07
CA SER B 144 11.68 -19.02 0.81
C SER B 144 12.38 -20.31 0.40
N GLN B 145 12.04 -21.43 1.05
CA GLN B 145 12.64 -22.71 0.71
C GLN B 145 12.24 -23.16 -0.69
N ILE B 146 10.97 -23.01 -1.05
CA ILE B 146 10.51 -23.36 -2.40
C ILE B 146 11.23 -22.53 -3.44
N VAL B 147 11.32 -21.21 -3.18
CA VAL B 147 11.98 -20.30 -4.11
C VAL B 147 13.45 -20.67 -4.27
N ASP B 148 14.13 -20.99 -3.16
CA ASP B 148 15.55 -21.33 -3.23
C ASP B 148 15.78 -22.63 -4.00
N VAL B 149 15.02 -23.69 -3.66
CA VAL B 149 15.24 -24.97 -4.30
C VAL B 149 14.78 -24.97 -5.76
N LEU B 150 13.91 -24.04 -6.16
CA LEU B 150 13.54 -23.96 -7.57
C LEU B 150 14.45 -23.04 -8.37
N GLU B 151 14.99 -21.98 -7.77
CA GLU B 151 16.00 -21.17 -8.45
C GLU B 151 17.33 -21.89 -8.52
N ALA B 152 17.53 -22.92 -7.69
CA ALA B 152 18.69 -23.79 -7.87
C ALA B 152 18.59 -24.59 -9.18
N LYS B 153 17.36 -24.97 -9.57
CA LYS B 153 17.15 -25.71 -10.80
C LYS B 153 17.06 -24.81 -12.03
N GLY B 154 16.99 -23.50 -11.86
CA GLY B 154 16.99 -22.57 -12.97
C GLY B 154 15.69 -21.85 -13.24
N PHE B 155 14.69 -21.97 -12.37
CA PHE B 155 13.38 -21.35 -12.56
C PHE B 155 13.27 -20.11 -11.70
N ASN B 156 12.95 -18.98 -12.32
CA ASN B 156 12.89 -17.69 -11.64
C ASN B 156 11.44 -17.26 -11.44
N TYR B 157 11.18 -16.62 -10.30
CA TYR B 157 9.84 -16.15 -9.98
C TYR B 157 9.39 -15.08 -10.96
N ILE B 158 8.17 -15.23 -11.49
CA ILE B 158 7.63 -14.30 -12.47
C ILE B 158 6.31 -13.67 -12.01
N GLU B 159 5.41 -14.45 -11.42
CA GLU B 159 4.07 -13.95 -11.14
C GLU B 159 3.47 -14.69 -9.96
N ASN B 160 2.30 -14.20 -9.53
CA ASN B 160 1.55 -14.76 -8.43
C ASN B 160 0.10 -14.91 -8.83
N PHE B 161 -0.50 -16.05 -8.48
CA PHE B 161 -1.92 -16.29 -8.72
C PHE B 161 -2.56 -16.71 -7.41
N MET B 162 -3.31 -15.81 -6.79
CA MET B 162 -3.86 -16.03 -5.47
C MET B 162 -5.35 -16.38 -5.58
N ILE B 163 -5.76 -17.40 -4.84
CA ILE B 163 -7.16 -17.74 -4.66
C ILE B 163 -7.55 -17.27 -3.26
N ASN B 164 -8.31 -16.18 -3.21
CA ASN B 164 -8.74 -15.62 -1.92
C ASN B 164 -9.85 -16.49 -1.36
N GLN B 165 -9.58 -17.14 -0.24
CA GLN B 165 -10.49 -18.15 0.30
C GLN B 165 -11.70 -17.50 0.96
N LEU B 166 -12.89 -17.99 0.62
CA LEU B 166 -14.14 -17.54 1.19
C LEU B 166 -14.87 -18.74 1.79
N SER B 167 -15.45 -18.55 2.96
CA SER B 167 -16.03 -19.67 3.70
C SER B 167 -17.49 -19.88 3.32
N ALA B 168 -17.85 -21.12 3.05
CA ALA B 168 -19.24 -21.52 2.93
C ALA B 168 -19.85 -21.92 4.27
N ASP B 169 -19.06 -21.93 5.34
CA ASP B 169 -19.59 -22.11 6.69
C ASP B 169 -19.87 -20.77 7.36
N LYS B 170 -18.93 -19.83 7.23
CA LYS B 170 -19.09 -18.52 7.85
C LYS B 170 -20.21 -17.73 7.21
N ALA B 171 -20.40 -17.85 5.89
CA ALA B 171 -21.51 -17.18 5.22
C ALA B 171 -22.85 -17.72 5.70
N LEU B 172 -22.95 -19.05 5.87
CA LEU B 172 -24.17 -19.65 6.39
C LEU B 172 -24.44 -19.22 7.82
N GLU B 173 -23.39 -19.16 8.66
CA GLU B 173 -23.59 -18.73 10.04
C GLU B 173 -23.94 -17.25 10.11
N MET B 174 -23.41 -16.43 9.20
CA MET B 174 -23.77 -15.02 9.14
C MET B 174 -25.22 -14.84 8.72
N GLN B 175 -25.67 -15.63 7.73
CA GLN B 175 -27.06 -15.57 7.31
C GLN B 175 -28.00 -16.02 8.43
N ARG B 176 -27.61 -17.08 9.15
CA ARG B 176 -28.44 -17.57 10.25
C ARG B 176 -28.49 -16.56 11.40
N LYS B 177 -27.38 -15.89 11.68
CA LYS B 177 -27.37 -14.87 12.73
C LYS B 177 -28.19 -13.65 12.32
N ASN B 178 -28.12 -13.25 11.06
CA ASN B 178 -28.89 -12.09 10.61
C ASN B 178 -30.38 -12.40 10.55
N GLN B 179 -30.75 -13.62 10.17
CA GLN B 179 -32.15 -14.01 10.10
C GLN B 179 -32.58 -14.71 11.38
N ILE B 201 -36.28 -22.55 5.37
CA ILE B 201 -35.88 -21.80 4.18
C ILE B 201 -34.37 -21.94 3.96
N TRP B 202 -33.60 -21.82 5.04
CA TRP B 202 -32.15 -21.92 4.96
C TRP B 202 -31.58 -22.73 6.12
N SER B 203 -32.34 -23.70 6.63
CA SER B 203 -31.94 -24.46 7.80
C SER B 203 -31.24 -25.77 7.42
N ASP B 204 -31.91 -26.62 6.67
CA ASP B 204 -31.37 -27.93 6.29
C ASP B 204 -30.53 -27.77 5.02
N ILE B 205 -29.32 -27.27 5.21
CA ILE B 205 -28.40 -27.04 4.09
C ILE B 205 -26.96 -27.04 4.61
N THR B 206 -26.08 -27.74 3.91
CA THR B 206 -24.69 -27.89 4.29
C THR B 206 -23.78 -27.05 3.38
N PRO B 207 -22.59 -26.68 3.86
CA PRO B 207 -21.67 -25.91 2.99
C PRO B 207 -21.25 -26.64 1.71
N GLU B 208 -21.11 -27.97 1.76
CA GLU B 208 -20.79 -28.71 0.54
C GLU B 208 -21.95 -28.66 -0.44
N GLN B 209 -23.19 -28.74 0.06
CA GLN B 209 -24.36 -28.55 -0.79
C GLN B 209 -24.39 -27.16 -1.37
N CYS B 210 -24.02 -26.15 -0.58
CA CYS B 210 -23.94 -24.78 -1.09
C CYS B 210 -22.91 -24.67 -2.20
N ILE B 211 -21.79 -25.38 -2.06
CA ILE B 211 -20.77 -25.39 -3.10
C ILE B 211 -21.31 -26.02 -4.38
N GLU B 212 -22.02 -27.14 -4.25
CA GLU B 212 -22.40 -27.94 -5.42
C GLU B 212 -23.87 -27.73 -5.81
N GLN B 213 -24.40 -26.55 -5.48
CA GLN B 213 -25.74 -26.20 -5.95
C GLN B 213 -25.78 -24.73 -6.38
N GLU B 214 -24.74 -23.98 -6.04
CA GLU B 214 -24.53 -22.55 -6.31
C GLU B 214 -25.48 -21.66 -5.51
N LYS B 215 -26.25 -22.20 -4.58
CA LYS B 215 -27.16 -21.40 -3.76
C LYS B 215 -26.40 -20.71 -2.63
N PHE B 216 -25.91 -19.50 -2.88
CA PHE B 216 -25.08 -18.79 -1.91
C PHE B 216 -25.88 -17.71 -1.21
N PRO B 217 -25.58 -17.44 0.05
CA PRO B 217 -26.30 -16.40 0.79
C PRO B 217 -25.83 -15.01 0.41
N PRO B 218 -26.68 -14.01 0.55
CA PRO B 218 -26.23 -12.64 0.27
C PRO B 218 -25.20 -12.16 1.29
N ASN B 219 -24.27 -11.35 0.78
CA ASN B 219 -23.22 -10.77 1.62
C ASN B 219 -22.69 -9.52 0.93
N ASN B 220 -22.85 -8.36 1.57
CA ASN B 220 -22.30 -7.12 1.06
C ASN B 220 -21.01 -6.73 1.76
N TYR B 221 -20.49 -7.58 2.65
CA TYR B 221 -19.20 -7.37 3.30
C TYR B 221 -18.55 -8.75 3.42
N VAL B 222 -17.72 -9.10 2.43
CA VAL B 222 -17.11 -10.43 2.41
C VAL B 222 -15.93 -10.54 3.34
N GLN B 223 -15.42 -9.43 3.86
CA GLN B 223 -14.26 -9.44 4.74
C GLN B 223 -14.50 -10.19 6.05
N ASP B 224 -15.75 -10.45 6.40
CA ASP B 224 -16.06 -11.23 7.59
C ASP B 224 -16.26 -12.72 7.31
N ILE B 225 -16.27 -13.14 6.06
CA ILE B 225 -16.48 -14.55 5.74
C ILE B 225 -15.24 -15.19 5.12
N PHE B 226 -14.07 -14.61 5.35
CA PHE B 226 -12.83 -15.23 4.91
C PHE B 226 -12.54 -16.48 5.73
N VAL B 227 -11.90 -17.46 5.09
CA VAL B 227 -11.50 -18.67 5.81
C VAL B 227 -10.23 -18.34 6.57
N ASN B 228 -10.38 -17.86 7.81
CA ASN B 228 -9.23 -17.45 8.60
C ASN B 228 -8.72 -18.67 9.37
N SER B 229 -7.87 -19.45 8.71
CA SER B 229 -7.35 -20.67 9.30
C SER B 229 -6.33 -20.35 10.39
N GLU B 230 -6.15 -21.30 11.29
CA GLU B 230 -5.30 -21.09 12.47
C GLU B 230 -3.83 -21.03 12.07
N TYR B 231 -3.18 -19.92 12.43
CA TYR B 231 -1.75 -19.75 12.22
C TYR B 231 -1.19 -19.04 13.45
N SER B 232 0.10 -19.30 13.73
CA SER B 232 0.75 -18.67 14.87
C SER B 232 0.82 -17.15 14.67
N PHE B 233 1.14 -16.72 13.46
CA PHE B 233 1.13 -15.32 13.07
C PHE B 233 -0.24 -15.00 12.47
N PHE B 234 -0.34 -13.92 11.68
CA PHE B 234 -1.58 -13.54 11.00
C PHE B 234 -2.27 -14.74 10.35
N ARG B 235 -3.59 -14.78 10.48
CA ARG B 235 -4.36 -15.96 10.12
C ARG B 235 -4.36 -16.19 8.62
N LYS B 236 -4.22 -17.45 8.23
CA LYS B 236 -4.09 -17.83 6.82
C LYS B 236 -5.45 -17.80 6.16
N SER B 237 -5.63 -16.92 5.16
CA SER B 237 -6.89 -16.83 4.44
C SER B 237 -6.68 -16.65 2.94
N LYS B 238 -5.64 -17.26 2.38
CA LYS B 238 -5.41 -17.20 0.95
C LYS B 238 -4.64 -18.43 0.50
N LYS B 239 -4.76 -18.73 -0.80
CA LYS B 239 -4.08 -19.85 -1.42
C LYS B 239 -3.23 -19.30 -2.57
N ILE B 240 -1.93 -19.56 -2.53
CA ILE B 240 -0.97 -18.94 -3.43
C ILE B 240 -0.47 -20.00 -4.41
N LEU B 241 -0.56 -19.68 -5.70
CA LEU B 241 0.00 -20.51 -6.77
C LEU B 241 1.21 -19.79 -7.34
N LEU B 242 2.40 -20.30 -7.04
CA LEU B 242 3.63 -19.71 -7.52
C LEU B 242 3.85 -20.03 -8.99
N MET B 243 4.29 -19.03 -9.74
CA MET B 243 4.61 -19.17 -11.15
C MET B 243 6.10 -18.91 -11.34
N LEU B 244 6.80 -19.86 -11.95
CA LEU B 244 8.23 -19.76 -12.16
C LEU B 244 8.57 -20.18 -13.58
N ARG B 245 9.29 -19.33 -14.31
CA ARG B 245 9.55 -19.53 -15.73
C ARG B 245 11.04 -19.75 -15.97
N LYS B 246 11.34 -20.74 -16.82
CA LYS B 246 12.70 -20.98 -17.30
C LYS B 246 12.93 -20.20 -18.58
N PHE B 247 14.05 -19.50 -18.65
CA PHE B 247 14.37 -18.63 -19.78
C PHE B 247 15.50 -19.25 -20.60
N ASN B 248 15.26 -19.39 -21.90
CA ASN B 248 16.27 -19.88 -22.84
C ASN B 248 16.33 -18.94 -24.03
N LYS B 249 17.56 -18.63 -24.46
CA LYS B 249 17.77 -17.63 -25.50
C LYS B 249 17.64 -18.18 -26.91
N ASP B 250 17.55 -19.51 -27.08
CA ASP B 250 17.45 -20.06 -28.42
C ASP B 250 16.02 -20.02 -28.95
N ALA B 251 15.08 -20.60 -28.19
CA ALA B 251 13.68 -20.61 -28.58
C ALA B 251 12.95 -19.46 -27.89
N GLN B 252 11.65 -19.35 -28.17
CA GLN B 252 10.80 -18.33 -27.58
C GLN B 252 9.46 -18.95 -27.19
N LEU B 253 8.83 -18.36 -26.18
CA LEU B 253 7.56 -18.84 -25.65
C LEU B 253 6.44 -17.89 -26.08
N GLU B 254 5.39 -18.46 -26.68
CA GLU B 254 4.25 -17.68 -27.16
C GLU B 254 3.23 -17.56 -26.03
N LEU B 255 3.11 -16.35 -25.48
CA LEU B 255 2.22 -16.09 -24.36
C LEU B 255 0.96 -15.37 -24.85
N ARG B 256 0.13 -14.94 -23.90
CA ARG B 256 -1.06 -14.14 -24.17
C ARG B 256 -1.23 -13.20 -22.99
N HIS B 257 -0.83 -11.95 -23.17
CA HIS B 257 -0.72 -11.01 -22.07
C HIS B 257 -2.06 -10.44 -21.65
N GLN B 258 -2.29 -10.42 -20.33
CA GLN B 258 -3.44 -9.77 -19.69
C GLN B 258 -4.78 -10.31 -20.20
N ARG B 259 -5.00 -11.60 -19.96
CA ARG B 259 -6.29 -12.21 -20.22
C ARG B 259 -6.97 -12.77 -18.98
N THR B 260 -6.28 -12.79 -17.85
CA THR B 260 -6.86 -13.26 -16.60
C THR B 260 -6.30 -12.42 -15.45
N SER B 261 -7.16 -12.12 -14.48
CA SER B 261 -6.71 -11.42 -13.29
C SER B 261 -5.88 -12.34 -12.40
N ASP B 262 -4.92 -11.75 -11.69
CA ASP B 262 -4.08 -12.52 -10.79
C ASP B 262 -4.71 -12.76 -9.43
N ILE B 263 -5.89 -12.20 -9.18
CA ILE B 263 -6.62 -12.40 -7.94
C ILE B 263 -7.98 -12.98 -8.31
N PHE B 264 -8.41 -13.99 -7.55
CA PHE B 264 -9.54 -14.83 -7.96
C PHE B 264 -10.26 -15.30 -6.70
N PHE B 265 -11.49 -14.85 -6.52
CA PHE B 265 -12.31 -15.21 -5.37
C PHE B 265 -12.96 -16.56 -5.60
N ASP B 266 -12.87 -17.45 -4.61
CA ASP B 266 -13.48 -18.77 -4.71
C ASP B 266 -13.94 -19.21 -3.33
N ILE B 267 -15.04 -19.95 -3.30
CA ILE B 267 -15.59 -20.43 -2.04
C ILE B 267 -14.83 -21.67 -1.59
N PHE B 268 -14.84 -21.91 -0.28
CA PHE B 268 -14.11 -23.02 0.32
C PHE B 268 -14.99 -23.59 1.44
N GLU B 269 -14.39 -24.41 2.29
CA GLU B 269 -15.05 -24.94 3.47
C GLU B 269 -14.13 -24.77 4.66
N GLN B 270 -14.72 -24.62 5.86
CA GLN B 270 -13.92 -24.52 7.07
C GLN B 270 -13.68 -25.88 7.70
N ASN B 271 -13.28 -26.84 6.86
CA ASN B 271 -12.73 -28.11 7.29
C ASN B 271 -11.53 -28.56 6.46
N LYS B 272 -11.32 -27.97 5.28
CA LYS B 272 -10.27 -28.34 4.35
C LYS B 272 -9.92 -27.14 3.48
N PRO B 273 -9.16 -26.18 4.00
CA PRO B 273 -8.87 -24.97 3.22
C PRO B 273 -7.90 -25.18 2.08
N ASN B 274 -7.23 -26.32 2.00
CA ASN B 274 -6.27 -26.61 0.93
C ASN B 274 -6.92 -27.30 -0.26
N ASP B 275 -8.23 -27.51 -0.24
CA ASP B 275 -8.94 -28.22 -1.31
C ASP B 275 -9.65 -27.18 -2.17
N VAL B 276 -9.11 -26.93 -3.36
CA VAL B 276 -9.74 -26.02 -4.30
C VAL B 276 -10.89 -26.73 -4.99
N SER B 277 -11.96 -25.99 -5.27
CA SER B 277 -13.15 -26.57 -5.87
C SER B 277 -12.89 -26.99 -7.31
N LYS B 278 -13.85 -27.74 -7.87
CA LYS B 278 -13.75 -28.17 -9.25
C LYS B 278 -13.76 -26.99 -10.21
N LYS B 279 -14.63 -26.01 -9.97
CA LYS B 279 -14.68 -24.83 -10.82
C LYS B 279 -13.45 -23.95 -10.63
N GLY B 280 -12.90 -23.89 -9.41
CA GLY B 280 -11.65 -23.17 -9.22
C GLY B 280 -10.49 -23.82 -9.94
N MET B 281 -10.43 -25.16 -9.91
CA MET B 281 -9.41 -25.88 -10.68
C MET B 281 -9.60 -25.67 -12.17
N GLU B 282 -10.84 -25.63 -12.63
CA GLU B 282 -11.12 -25.33 -14.03
C GLU B 282 -10.66 -23.92 -14.40
N PHE B 283 -10.87 -22.96 -13.50
CA PHE B 283 -10.39 -21.60 -13.72
C PHE B 283 -8.86 -21.57 -13.83
N VAL B 284 -8.17 -22.31 -12.95
CA VAL B 284 -6.71 -22.34 -13.00
C VAL B 284 -6.22 -23.00 -14.30
N TYR B 285 -6.86 -24.10 -14.69
CA TYR B 285 -6.47 -24.79 -15.92
C TYR B 285 -6.71 -23.92 -17.15
N LYS B 286 -7.84 -23.20 -17.18
CA LYS B 286 -8.11 -22.30 -18.29
C LYS B 286 -7.15 -21.11 -18.30
N MET B 287 -6.73 -20.64 -17.12
CA MET B 287 -5.69 -19.61 -17.06
C MET B 287 -4.39 -20.10 -17.66
N ILE B 288 -3.99 -21.34 -17.34
CA ILE B 288 -2.79 -21.92 -17.91
C ILE B 288 -2.94 -22.08 -19.42
N GLU B 289 -4.10 -22.55 -19.87
CA GLU B 289 -4.30 -22.86 -21.28
C GLU B 289 -4.37 -21.60 -22.13
N THR B 290 -5.08 -20.57 -21.67
CA THR B 290 -5.13 -19.32 -22.41
C THR B 290 -3.88 -18.47 -22.21
N LEU B 291 -3.05 -18.77 -21.22
CA LEU B 291 -1.76 -18.11 -21.13
C LEU B 291 -0.79 -18.66 -22.18
N LEU B 292 -0.84 -19.97 -22.43
CA LEU B 292 0.02 -20.63 -23.41
C LEU B 292 -0.88 -21.33 -24.42
N PRO B 293 -1.22 -20.67 -25.53
CA PRO B 293 -2.16 -21.29 -26.47
C PRO B 293 -1.53 -22.38 -27.31
N LYS B 294 -0.25 -22.24 -27.68
CA LYS B 294 0.40 -23.23 -28.53
C LYS B 294 0.55 -24.57 -27.82
N ALA B 295 0.56 -24.56 -26.49
CA ALA B 295 0.61 -25.80 -25.72
C ALA B 295 -0.74 -26.50 -25.64
N ASN B 296 -1.80 -25.89 -26.17
CA ASN B 296 -3.12 -26.50 -26.15
C ASN B 296 -3.18 -27.71 -27.08
N TYR B 297 -4.22 -28.52 -26.90
CA TYR B 297 -4.38 -29.72 -27.70
C TYR B 297 -4.70 -29.35 -29.15
N SER B 298 -3.99 -29.99 -30.08
CA SER B 298 -4.16 -29.73 -31.50
C SER B 298 -3.67 -30.96 -32.26
N GLU B 299 -3.73 -30.88 -33.58
CA GLU B 299 -3.26 -31.99 -34.42
C GLU B 299 -1.74 -32.12 -34.34
N GLU B 300 -1.04 -30.98 -34.27
CA GLU B 300 0.43 -31.02 -34.20
C GLU B 300 0.94 -31.47 -32.85
N ASN B 301 0.11 -31.38 -31.80
CA ASN B 301 0.51 -31.75 -30.45
C ASN B 301 0.00 -33.13 -30.05
N LYS B 302 -0.08 -34.07 -30.99
CA LYS B 302 -0.54 -35.42 -30.73
C LYS B 302 0.68 -36.32 -30.51
N GLY B 303 0.81 -36.85 -29.31
CA GLY B 303 1.99 -37.61 -28.94
C GLY B 303 3.17 -36.78 -28.50
N ALA B 304 3.04 -35.46 -28.52
CA ALA B 304 4.11 -34.54 -28.13
C ALA B 304 3.52 -33.44 -27.26
N PHE B 305 2.77 -33.85 -26.23
CA PHE B 305 2.05 -32.91 -25.37
C PHE B 305 2.99 -31.97 -24.65
N LYS B 306 2.60 -30.70 -24.58
CA LYS B 306 3.44 -29.66 -24.00
C LYS B 306 2.98 -29.24 -22.60
N MET B 307 2.06 -29.97 -22.00
CA MET B 307 1.57 -29.67 -20.65
C MET B 307 1.67 -30.94 -19.80
N MET B 308 2.28 -30.81 -18.62
CA MET B 308 2.54 -31.94 -17.76
C MET B 308 2.06 -31.64 -16.35
N GLU B 309 1.47 -32.65 -15.71
CA GLU B 309 1.03 -32.59 -14.33
C GLU B 309 1.86 -33.57 -13.50
N LEU B 310 2.37 -33.10 -12.36
CA LEU B 310 3.26 -33.95 -11.58
C LEU B 310 2.53 -34.79 -10.55
N TYR B 311 1.71 -34.18 -9.69
CA TYR B 311 0.98 -34.91 -8.66
C TYR B 311 -0.50 -34.87 -9.03
N ALA B 312 -0.91 -35.85 -9.84
CA ALA B 312 -2.26 -35.87 -10.40
C ALA B 312 -3.23 -36.62 -9.49
N ASP B 313 -4.50 -36.30 -9.64
CA ASP B 313 -5.59 -37.00 -8.97
C ASP B 313 -6.75 -37.11 -9.95
N ASP B 314 -7.62 -38.10 -9.70
CA ASP B 314 -8.74 -38.35 -10.59
C ASP B 314 -9.90 -37.42 -10.31
N LYS B 315 -9.65 -36.11 -10.30
CA LYS B 315 -10.67 -35.10 -10.09
C LYS B 315 -10.90 -34.24 -11.33
N SER B 316 -9.84 -33.59 -11.82
CA SER B 316 -9.94 -32.80 -13.04
C SER B 316 -8.71 -32.94 -13.93
N GLN B 317 -7.81 -33.88 -13.63
CA GLN B 317 -6.53 -33.91 -14.34
C GLN B 317 -6.58 -34.58 -15.72
N PRO B 318 -7.25 -35.76 -15.92
CA PRO B 318 -7.32 -36.28 -17.30
C PRO B 318 -7.99 -35.27 -18.22
N ARG B 319 -7.19 -34.72 -19.13
CA ARG B 319 -7.57 -33.54 -19.87
C ARG B 319 -7.12 -33.71 -21.32
N LYS B 320 -7.31 -32.66 -22.11
CA LYS B 320 -6.90 -32.66 -23.51
C LYS B 320 -5.53 -32.00 -23.59
N GLY B 321 -4.54 -32.74 -24.08
CA GLY B 321 -3.20 -32.20 -24.21
C GLY B 321 -2.41 -32.13 -22.93
N TRP B 322 -2.75 -32.94 -21.93
CA TRP B 322 -2.08 -32.93 -20.64
C TRP B 322 -1.47 -34.29 -20.34
N ILE B 323 -0.23 -34.28 -19.85
CA ILE B 323 0.42 -35.47 -19.34
C ILE B 323 0.18 -35.55 -17.84
N SER B 324 -0.33 -36.68 -17.38
CA SER B 324 -0.71 -36.87 -15.99
C SER B 324 0.22 -37.90 -15.35
N VAL B 325 0.85 -37.53 -14.25
CA VAL B 325 1.73 -38.42 -13.50
C VAL B 325 1.08 -38.70 -12.15
N TYR B 326 0.92 -39.98 -11.83
CA TYR B 326 0.25 -40.42 -10.62
C TYR B 326 1.24 -41.10 -9.69
N GLU B 327 1.11 -40.85 -8.40
CA GLU B 327 1.99 -41.42 -7.39
C GLU B 327 1.22 -42.49 -6.62
N GLN B 328 1.65 -43.75 -6.80
CA GLN B 328 1.14 -44.90 -6.05
C GLN B 328 -0.37 -45.06 -6.20
N GLU B 329 -0.80 -45.25 -7.44
CA GLU B 329 -2.21 -45.45 -7.74
C GLU B 329 -2.43 -46.78 -8.46
N THR C 156 -9.96 32.14 -17.23
CA THR C 156 -9.60 30.79 -16.81
C THR C 156 -9.83 30.61 -15.31
N LEU C 157 -10.96 31.15 -14.82
CA LEU C 157 -11.27 31.04 -13.40
C LEU C 157 -11.66 29.61 -13.03
N GLU C 158 -12.23 28.86 -13.96
CA GLU C 158 -12.63 27.48 -13.67
C GLU C 158 -11.41 26.59 -13.45
N ASP C 159 -10.32 26.85 -14.18
CA ASP C 159 -9.08 26.11 -13.97
C ASP C 159 -8.48 26.41 -12.59
N ILE C 160 -8.52 27.68 -12.18
CA ILE C 160 -7.94 28.07 -10.91
C ILE C 160 -8.77 27.54 -9.75
N GLU C 161 -10.09 27.68 -9.83
CA GLU C 161 -10.99 27.31 -8.74
C GLU C 161 -11.27 25.81 -8.82
N ASN C 162 -10.38 25.03 -8.22
CA ASN C 162 -10.56 23.58 -8.13
C ASN C 162 -10.41 23.17 -6.68
N GLU C 163 -11.00 22.02 -6.34
CA GLU C 163 -10.92 21.51 -4.97
C GLU C 163 -9.68 20.62 -4.79
N LYS C 164 -8.54 21.14 -5.21
CA LYS C 164 -7.25 20.50 -4.96
C LYS C 164 -6.16 21.51 -4.65
N PHE C 165 -6.47 22.80 -4.59
CA PHE C 165 -5.49 23.85 -4.40
C PHE C 165 -5.74 24.57 -3.09
N THR C 166 -4.65 24.99 -2.44
CA THR C 166 -4.77 25.78 -1.24
C THR C 166 -5.24 27.19 -1.56
N ASN C 167 -5.69 27.91 -0.52
CA ASN C 167 -6.14 29.29 -0.71
C ASN C 167 -4.99 30.20 -1.12
N LEU C 168 -3.78 29.92 -0.64
CA LEU C 168 -2.62 30.72 -1.05
C LEU C 168 -2.28 30.49 -2.52
N GLU C 169 -2.35 29.23 -2.98
CA GLU C 169 -2.10 28.95 -4.39
C GLU C 169 -3.17 29.58 -5.29
N ILE C 170 -4.43 29.52 -4.87
CA ILE C 170 -5.51 30.15 -5.61
C ILE C 170 -5.31 31.66 -5.66
N LEU C 171 -4.94 32.26 -4.54
CA LEU C 171 -4.70 33.71 -4.51
C LEU C 171 -3.51 34.10 -5.37
N THR C 172 -2.46 33.27 -5.39
CA THR C 172 -1.31 33.57 -6.24
C THR C 172 -1.68 33.50 -7.71
N HIS C 173 -2.46 32.48 -8.10
CA HIS C 173 -2.91 32.38 -9.48
C HIS C 173 -3.81 33.55 -9.86
N LEU C 174 -4.70 33.95 -8.96
CA LEU C 174 -5.58 35.08 -9.22
C LEU C 174 -4.80 36.38 -9.36
N TYR C 175 -3.78 36.58 -8.51
CA TYR C 175 -2.96 37.78 -8.60
C TYR C 175 -2.14 37.80 -9.88
N ASN C 176 -1.61 36.64 -10.29
CA ASN C 176 -0.90 36.57 -11.57
C ASN C 176 -1.82 36.87 -12.74
N LEU C 177 -3.06 36.35 -12.70
CA LEU C 177 -4.02 36.64 -13.75
C LEU C 177 -4.37 38.13 -13.78
N LYS C 178 -4.55 38.74 -12.61
CA LYS C 178 -4.85 40.17 -12.55
C LYS C 178 -3.70 41.00 -13.10
N ALA C 179 -2.46 40.63 -12.76
CA ALA C 179 -1.30 41.33 -13.28
C ALA C 179 -1.20 41.18 -14.79
N GLU C 180 -1.49 39.99 -15.31
CA GLU C 180 -1.45 39.78 -16.76
C GLU C 180 -2.52 40.61 -17.46
N ILE C 181 -3.72 40.67 -16.88
CA ILE C 181 -4.80 41.47 -17.48
C ILE C 181 -4.44 42.96 -17.46
N VAL C 182 -3.87 43.43 -16.34
CA VAL C 182 -3.47 44.83 -16.23
C VAL C 182 -2.38 45.16 -17.25
N ARG C 183 -1.40 44.27 -17.40
CA ARG C 183 -0.31 44.52 -18.35
C ARG C 183 -0.81 44.45 -19.80
N ARG C 184 -1.77 43.57 -20.09
CA ARG C 184 -2.32 43.51 -21.43
C ARG C 184 -3.16 44.74 -21.76
N LEU C 185 -3.89 45.25 -20.77
CA LEU C 185 -4.63 46.50 -20.97
C LEU C 185 -3.68 47.67 -21.15
N ALA C 186 -2.59 47.72 -20.40
CA ALA C 186 -1.62 48.79 -20.51
C ALA C 186 -0.38 48.31 -21.25
N PRO D 15 4.55 0.12 33.37
CA PRO D 15 4.29 0.43 31.96
C PRO D 15 5.00 1.70 31.50
N LEU D 16 4.76 2.11 30.26
CA LEU D 16 5.37 3.29 29.68
C LEU D 16 4.29 4.33 29.39
N ASP D 17 4.53 5.57 29.83
CA ASP D 17 3.63 6.68 29.54
C ASP D 17 3.96 7.20 28.14
N PHE D 18 3.05 6.99 27.19
CA PHE D 18 3.34 7.30 25.80
C PHE D 18 3.35 8.79 25.51
N THR D 19 2.64 9.60 26.28
CA THR D 19 2.61 11.04 26.03
C THR D 19 3.97 11.67 26.32
N GLN D 20 4.53 11.38 27.50
CA GLN D 20 5.84 11.93 27.84
C GLN D 20 6.94 11.32 27.00
N TYR D 21 6.83 10.03 26.68
CA TYR D 21 7.79 9.38 25.79
C TYR D 21 7.79 10.04 24.42
N ALA D 22 6.60 10.31 23.88
CA ALA D 22 6.48 10.97 22.58
C ALA D 22 7.03 12.39 22.65
N LYS D 23 6.77 13.10 23.75
CA LYS D 23 7.28 14.46 23.91
C LYS D 23 8.80 14.46 23.94
N ASN D 24 9.41 13.54 24.68
CA ASN D 24 10.87 13.48 24.76
C ASN D 24 11.48 13.09 23.41
N MET D 25 10.88 12.12 22.72
CA MET D 25 11.42 11.69 21.43
C MET D 25 11.28 12.78 20.38
N ARG D 26 10.18 13.53 20.41
CA ARG D 26 10.01 14.65 19.50
C ARG D 26 11.00 15.77 19.82
N LYS D 27 11.26 16.01 21.11
CA LYS D 27 12.23 17.02 21.50
C LYS D 27 13.63 16.66 21.04
N ASP D 28 14.00 15.38 21.15
CA ASP D 28 15.36 14.97 20.78
C ASP D 28 15.53 14.85 19.26
N LEU D 29 14.53 14.32 18.56
CA LEU D 29 14.71 13.94 17.16
C LEU D 29 14.03 14.87 16.16
N SER D 30 12.81 15.31 16.45
CA SER D 30 12.05 16.07 15.47
C SER D 30 12.61 17.49 15.32
N ASN D 31 12.32 18.09 14.17
CA ASN D 31 12.84 19.41 13.84
C ASN D 31 12.14 20.49 14.67
N GLN D 32 12.65 21.71 14.55
CA GLN D 32 12.11 22.83 15.32
C GLN D 32 10.70 23.18 14.88
N ASP D 33 10.37 22.97 13.62
CA ASP D 33 9.05 23.31 13.09
C ASP D 33 7.99 22.26 13.41
N ILE D 34 8.36 21.13 14.01
CA ILE D 34 7.42 20.06 14.27
C ILE D 34 6.98 20.10 15.72
N CYS D 35 7.85 20.58 16.61
CA CYS D 35 7.55 20.68 18.02
C CYS D 35 7.50 22.13 18.46
N LEU D 36 7.11 22.34 19.72
CA LEU D 36 6.97 23.68 20.28
C LEU D 36 7.90 23.87 21.46
N GLU D 37 9.17 23.48 21.31
CA GLU D 37 10.28 23.57 22.26
C GLU D 37 9.95 23.05 23.66
N ASP D 38 8.91 22.22 23.76
CA ASP D 38 8.62 21.49 24.99
C ASP D 38 8.15 20.07 24.71
N GLY D 39 8.14 19.63 23.45
CA GLY D 39 7.67 18.33 23.07
C GLY D 39 6.27 18.31 22.49
N ALA D 40 5.49 19.37 22.71
CA ALA D 40 4.13 19.41 22.19
C ALA D 40 4.13 19.52 20.67
N LEU D 41 3.16 18.88 20.04
CA LEU D 41 3.08 18.87 18.58
C LEU D 41 2.67 20.24 18.05
N ASN D 42 3.36 20.68 17.00
CA ASN D 42 3.04 21.93 16.31
C ASN D 42 2.05 21.62 15.21
N HIS D 43 0.76 21.82 15.50
CA HIS D 43 -0.29 21.46 14.56
C HIS D 43 -0.43 22.44 13.40
N SER D 44 0.08 23.67 13.56
CA SER D 44 0.10 24.61 12.45
C SER D 44 1.01 24.14 11.33
N TYR D 45 2.03 23.34 11.66
CA TYR D 45 2.91 22.78 10.64
C TYR D 45 2.16 21.77 9.77
N PHE D 46 1.27 20.99 10.36
CA PHE D 46 0.54 19.95 9.64
C PHE D 46 -0.82 20.42 9.14
N LEU D 47 -1.25 21.63 9.49
CA LEU D 47 -2.47 22.18 8.90
C LEU D 47 -2.23 22.77 7.51
N THR D 48 -0.98 23.02 7.14
CA THR D 48 -0.65 23.56 5.84
C THR D 48 0.14 22.54 5.03
N LYS D 49 0.39 22.89 3.77
CA LYS D 49 1.16 22.02 2.88
C LYS D 49 2.65 22.12 3.20
N LYS D 50 3.40 21.15 2.68
CA LYS D 50 4.84 21.13 2.92
C LYS D 50 5.54 22.19 2.07
N GLY D 51 6.40 22.98 2.71
CA GLY D 51 7.10 24.05 2.06
C GLY D 51 6.52 25.44 2.30
N GLN D 52 5.29 25.52 2.80
CA GLN D 52 4.63 26.78 3.10
C GLN D 52 4.09 26.71 4.53
N TYR D 53 4.89 27.17 5.49
CA TYR D 53 4.49 27.15 6.89
C TYR D 53 4.41 28.52 7.54
N TRP D 54 5.25 29.48 7.11
CA TRP D 54 5.35 30.81 7.72
C TRP D 54 5.75 30.70 9.20
N THR D 55 7.01 30.33 9.38
CA THR D 55 7.59 30.18 10.71
C THR D 55 7.56 31.50 11.47
N PRO D 56 7.58 31.45 12.81
CA PRO D 56 7.75 32.70 13.59
C PRO D 56 9.05 33.43 13.27
N LEU D 57 10.09 32.72 12.86
CA LEU D 57 11.28 33.38 12.34
C LEU D 57 10.96 34.18 11.08
N ASN D 58 10.13 33.61 10.19
CA ASN D 58 9.70 34.35 9.01
C ASN D 58 8.89 35.58 9.38
N GLN D 59 8.01 35.46 10.38
CA GLN D 59 7.21 36.60 10.82
C GLN D 59 8.10 37.70 11.40
N LYS D 60 9.09 37.32 12.21
CA LYS D 60 10.01 38.31 12.78
C LYS D 60 10.86 38.95 11.70
N ALA D 61 11.27 38.17 10.68
CA ALA D 61 12.02 38.73 9.56
C ALA D 61 11.17 39.71 8.76
N LEU D 62 9.89 39.41 8.57
CA LEU D 62 9.01 40.33 7.88
C LEU D 62 8.82 41.62 8.69
N GLN D 63 8.70 41.49 10.01
CA GLN D 63 8.59 42.68 10.85
C GLN D 63 9.86 43.52 10.78
N ARG D 64 11.03 42.87 10.77
CA ARG D 64 12.29 43.60 10.60
C ARG D 64 12.35 44.28 9.23
N GLY D 65 11.83 43.63 8.20
CA GLY D 65 11.81 44.24 6.88
C GLY D 65 10.91 45.45 6.80
N ILE D 66 9.76 45.40 7.48
CA ILE D 66 8.88 46.56 7.54
C ILE D 66 9.53 47.69 8.35
N GLU D 67 10.27 47.33 9.41
CA GLU D 67 10.98 48.34 10.20
C GLU D 67 12.08 49.00 9.38
N LEU D 68 12.83 48.21 8.60
CA LEU D 68 14.00 48.74 7.91
C LEU D 68 13.61 49.44 6.61
N PHE D 69 12.97 48.71 5.70
CA PHE D 69 12.56 49.25 4.41
C PHE D 69 11.09 49.65 4.44
N GLY D 70 10.63 50.23 3.33
CA GLY D 70 9.27 50.71 3.27
C GLY D 70 8.25 49.61 3.09
N VAL D 71 6.99 49.98 3.25
CA VAL D 71 5.87 49.05 3.07
C VAL D 71 5.50 49.02 1.60
N GLY D 72 5.39 47.82 1.03
CA GLY D 72 5.05 47.63 -0.35
C GLY D 72 6.21 47.24 -1.24
N ASN D 73 7.45 47.49 -0.80
CA ASN D 73 8.63 47.09 -1.56
C ASN D 73 9.01 45.66 -1.18
N TRP D 74 8.14 44.73 -1.61
CA TRP D 74 8.30 43.33 -1.23
C TRP D 74 9.50 42.67 -1.89
N LYS D 75 9.97 43.22 -3.01
CA LYS D 75 11.12 42.64 -3.71
C LYS D 75 12.40 42.74 -2.90
N GLU D 76 12.64 43.88 -2.24
CA GLU D 76 13.82 44.01 -1.40
C GLU D 76 13.77 43.07 -0.20
N ILE D 77 12.59 42.95 0.42
CA ILE D 77 12.43 42.02 1.54
C ILE D 77 12.65 40.58 1.09
N ASN D 78 12.13 40.21 -0.08
CA ASN D 78 12.35 38.88 -0.63
C ASN D 78 13.83 38.64 -0.91
N TYR D 79 14.53 39.64 -1.44
CA TYR D 79 15.93 39.46 -1.81
C TYR D 79 16.83 39.38 -0.59
N ASP D 80 16.54 40.15 0.46
CA ASP D 80 17.45 40.24 1.59
C ASP D 80 16.91 39.64 2.89
N GLU D 81 15.73 40.09 3.34
CA GLU D 81 15.31 39.79 4.70
C GLU D 81 14.81 38.37 4.89
N PHE D 82 14.54 37.62 3.81
CA PHE D 82 14.10 36.24 3.94
C PHE D 82 15.13 35.26 3.39
N SER D 83 15.44 35.35 2.10
CA SER D 83 16.31 34.43 1.36
C SER D 83 16.26 34.78 -0.11
N GLY D 84 15.73 33.87 -0.92
CA GLY D 84 15.41 34.12 -2.31
C GLY D 84 14.11 33.43 -2.66
N LYS D 85 13.48 32.82 -1.67
CA LYS D 85 12.23 32.07 -1.84
C LYS D 85 11.19 32.65 -0.90
N ALA D 86 10.33 33.52 -1.42
CA ALA D 86 9.24 34.09 -0.63
C ALA D 86 8.17 34.58 -1.59
N ASN D 87 6.94 34.13 -1.39
CA ASN D 87 5.83 34.59 -2.23
C ASN D 87 5.52 36.05 -1.92
N ILE D 88 5.53 36.87 -2.96
CA ILE D 88 5.18 38.28 -2.80
C ILE D 88 3.73 38.42 -2.36
N VAL D 89 2.85 37.57 -2.89
CA VAL D 89 1.45 37.58 -2.48
C VAL D 89 1.31 37.25 -1.01
N GLU D 90 2.05 36.23 -0.54
CA GLU D 90 1.97 35.86 0.86
C GLU D 90 2.58 36.93 1.76
N LEU D 91 3.66 37.58 1.31
CA LEU D 91 4.22 38.68 2.09
C LEU D 91 3.22 39.83 2.23
N GLU D 92 2.54 40.16 1.13
CA GLU D 92 1.52 41.20 1.19
C GLU D 92 0.37 40.81 2.11
N LEU D 93 -0.06 39.55 2.05
CA LEU D 93 -1.17 39.10 2.90
C LEU D 93 -0.81 39.12 4.38
N ARG D 94 0.39 38.60 4.72
CA ARG D 94 0.82 38.60 6.11
C ARG D 94 1.03 40.01 6.63
N THR D 95 1.62 40.89 5.80
CA THR D 95 1.79 42.28 6.22
C THR D 95 0.46 42.97 6.43
N CYS D 96 -0.52 42.69 5.56
CA CYS D 96 -1.86 43.24 5.75
C CYS D 96 -2.49 42.74 7.03
N MET D 97 -2.25 41.46 7.38
CA MET D 97 -2.71 40.96 8.67
C MET D 97 -1.99 41.63 9.83
N ILE D 98 -0.76 42.11 9.62
CA ILE D 98 -0.01 42.76 10.69
C ILE D 98 -0.68 44.08 11.09
N LEU D 99 -1.02 44.91 10.10
CA LEU D 99 -1.71 46.15 10.41
C LEU D 99 -3.21 45.97 10.68
N GLY D 100 -3.76 44.79 10.42
CA GLY D 100 -5.11 44.51 10.83
C GLY D 100 -6.20 45.05 9.93
N ILE D 101 -5.90 45.28 8.65
CA ILE D 101 -6.89 45.76 7.69
C ILE D 101 -6.59 45.12 6.35
N ASN D 102 -7.63 44.61 5.67
CA ASN D 102 -7.41 43.94 4.39
C ASN D 102 -7.36 44.92 3.22
N ASP D 103 -6.62 46.01 3.39
CA ASP D 103 -6.26 46.89 2.28
C ASP D 103 -5.01 47.65 2.71
N ILE D 104 -3.85 47.15 2.28
CA ILE D 104 -2.58 47.78 2.64
C ILE D 104 -2.28 48.80 1.55
N THR D 105 -2.92 49.96 1.66
CA THR D 105 -2.81 51.02 0.67
C THR D 105 -2.41 52.35 1.27
N GLU D 106 -2.96 52.71 2.44
CA GLU D 106 -2.61 53.98 3.07
C GLU D 106 -1.22 53.99 3.68
N TYR D 107 -0.60 52.83 3.84
CA TYR D 107 0.74 52.74 4.41
C TYR D 107 1.82 52.52 3.35
N TYR D 108 1.48 52.69 2.07
CA TYR D 108 2.42 52.47 0.97
C TYR D 108 3.54 53.50 1.03
N GLY D 109 4.74 53.05 1.38
CA GLY D 109 5.91 53.89 1.44
C GLY D 109 6.41 54.19 2.84
N LYS D 110 5.54 54.10 3.85
CA LYS D 110 5.96 54.41 5.21
C LYS D 110 6.79 53.28 5.79
N LYS D 111 7.69 53.64 6.71
CA LYS D 111 8.51 52.69 7.45
C LYS D 111 7.96 52.59 8.85
N ILE D 112 7.43 51.42 9.21
CA ILE D 112 6.67 51.22 10.43
C ILE D 112 7.43 50.23 11.32
N SER D 113 7.64 50.61 12.57
CA SER D 113 8.31 49.77 13.54
C SER D 113 7.29 48.96 14.34
N GLU D 114 7.78 48.22 15.33
CA GLU D 114 6.94 47.24 16.03
C GLU D 114 5.87 47.92 16.89
N GLU D 115 6.26 48.96 17.64
CA GLU D 115 5.32 49.61 18.55
C GLU D 115 4.21 50.32 17.79
N GLU D 116 4.57 51.05 16.74
CA GLU D 116 3.54 51.70 15.92
C GLU D 116 2.73 50.69 15.13
N GLN D 117 3.32 49.55 14.77
CA GLN D 117 2.54 48.46 14.17
C GLN D 117 1.47 47.96 15.13
N GLU D 118 1.86 47.75 16.39
CA GLU D 118 0.90 47.29 17.40
C GLU D 118 -0.19 48.32 17.65
N GLU D 119 0.17 49.60 17.71
CA GLU D 119 -0.85 50.61 17.96
C GLU D 119 -1.76 50.81 16.75
N ILE D 120 -1.24 50.64 15.53
CA ILE D 120 -2.08 50.68 14.34
C ILE D 120 -3.06 49.51 14.33
N LYS D 121 -2.58 48.32 14.68
CA LYS D 121 -3.46 47.15 14.77
C LYS D 121 -4.53 47.35 15.84
N LYS D 122 -4.15 47.93 16.98
CA LYS D 122 -5.12 48.21 18.04
C LYS D 122 -6.16 49.23 17.60
N SER D 123 -5.73 50.28 16.89
CA SER D 123 -6.68 51.27 16.40
C SER D 123 -7.63 50.67 15.37
N ASN D 124 -7.10 49.82 14.49
CA ASN D 124 -7.94 49.17 13.48
C ASN D 124 -8.95 48.23 14.13
N ILE D 125 -8.52 47.45 15.12
CA ILE D 125 -9.45 46.55 15.79
C ILE D 125 -10.48 47.32 16.60
N ALA D 126 -10.11 48.48 17.17
CA ALA D 126 -11.06 49.30 17.90
C ALA D 126 -12.08 49.92 16.96
N LYS D 127 -11.63 50.38 15.79
CA LYS D 127 -12.56 50.88 14.77
C LYS D 127 -13.52 49.80 14.30
N GLY D 128 -13.01 48.58 14.08
CA GLY D 128 -13.86 47.49 13.67
C GLY D 128 -14.90 47.12 14.72
N LYS D 129 -14.50 47.10 15.99
CA LYS D 129 -15.45 46.84 17.06
C LYS D 129 -16.41 48.00 17.30
N LYS D 130 -16.02 49.23 16.96
CA LYS D 130 -16.89 50.37 17.20
C LYS D 130 -17.84 50.65 16.05
N GLU D 131 -17.58 50.14 14.85
CA GLU D 131 -18.52 50.30 13.74
C GLU D 131 -19.29 49.03 13.40
N ASN D 132 -19.06 47.94 14.13
CA ASN D 132 -19.77 46.67 13.96
C ASN D 132 -19.68 46.15 12.52
N LYS D 133 -18.52 46.36 11.90
CA LYS D 133 -18.23 45.92 10.55
C LYS D 133 -16.86 45.27 10.50
N LEU D 134 -16.63 44.34 11.42
CA LEU D 134 -15.30 43.77 11.65
C LEU D 134 -15.30 42.28 11.32
N LYS D 135 -14.20 41.83 10.73
CA LYS D 135 -13.92 40.42 10.50
C LYS D 135 -12.68 40.03 11.29
N ASP D 136 -12.17 38.82 11.04
CA ASP D 136 -11.05 38.29 11.81
C ASP D 136 -9.78 39.05 11.47
N ASN D 137 -9.42 40.01 12.33
CA ASN D 137 -8.21 40.82 12.26
C ASN D 137 -8.09 41.61 10.95
N ILE D 138 -9.21 41.90 10.30
CA ILE D 138 -9.29 42.84 9.18
C ILE D 138 -10.55 43.67 9.38
N TYR D 139 -10.53 44.94 8.97
CA TYR D 139 -11.70 45.74 9.27
C TYR D 139 -12.79 45.50 8.23
N GLN D 140 -12.70 46.13 7.05
CA GLN D 140 -13.60 45.78 5.96
C GLN D 140 -13.00 46.10 4.59
N LYS D 141 -11.80 46.65 4.57
CA LYS D 141 -11.32 47.31 3.35
C LYS D 141 -10.47 46.37 2.50
#